data_1XS4
#
_entry.id   1XS4
#
_cell.length_a   63.272
_cell.length_b   97.882
_cell.length_c   95.116
_cell.angle_alpha   90.00
_cell.angle_beta   109.23
_cell.angle_gamma   90.00
#
_symmetry.space_group_name_H-M   'P 1 21 1'
#
loop_
_entity.id
_entity.type
_entity.pdbx_description
1 polymer 'Deoxycytidine triphosphate deaminase'
2 non-polymer 'MAGNESIUM ION'
3 non-polymer "2'-DEOXYCYTIDINE-5'-TRIPHOSPHATE"
4 water water
#
_entity_poly.entity_id   1
_entity_poly.type   'polypeptide(L)'
_entity_poly.pdbx_seq_one_letter_code
;(MSE)RLCDRDIEAWLDEGRLSINPRPPVERINGATVDVRLGNKFRTFRGHTAAFIDLSGPKDEVSAALDRV(MSE)SDE
IVLDEGEAFYLHPGELALAVTLESVTLPADLVGWLDGRSSLARLGL(MSE)VHVTAHRIDPGWSGCIVLAFYNSGKLPLA
LRPG(MSE)LIGALSFEPLSGPAVRPYNRREDAKYRNQQGAVASRIDKD
;
_entity_poly.pdbx_strand_id   A,B,C,D,E,F
#
# COMPACT_ATOMS: atom_id res chain seq x y z
N ARG A 2 15.95 -29.39 -19.49
CA ARG A 2 15.07 -29.87 -18.43
C ARG A 2 14.57 -31.27 -18.73
N LEU A 3 14.36 -32.06 -17.69
CA LEU A 3 13.79 -33.36 -17.87
C LEU A 3 12.35 -33.22 -18.32
N CYS A 4 11.98 -33.96 -19.36
CA CYS A 4 10.59 -34.10 -19.74
C CYS A 4 9.91 -35.03 -18.77
N ASP A 5 8.61 -35.12 -18.85
CA ASP A 5 7.82 -35.93 -17.94
C ASP A 5 8.27 -37.39 -17.83
N ARG A 6 8.56 -38.05 -18.97
CA ARG A 6 8.90 -39.50 -18.93
C ARG A 6 10.24 -39.69 -18.26
N ASP A 7 11.09 -38.67 -18.42
CA ASP A 7 12.41 -38.71 -17.82
C ASP A 7 12.35 -38.38 -16.31
N ILE A 8 11.38 -37.57 -15.90
CA ILE A 8 11.15 -37.35 -14.46
C ILE A 8 10.71 -38.63 -13.76
N GLU A 9 9.78 -39.35 -14.39
CA GLU A 9 9.28 -40.65 -13.89
C GLU A 9 10.44 -41.65 -13.80
N ALA A 10 11.30 -41.66 -14.81
CA ALA A 10 12.42 -42.60 -14.84
C ALA A 10 13.36 -42.30 -13.69
N TRP A 11 13.64 -41.03 -13.44
CA TRP A 11 14.54 -40.67 -12.34
C TRP A 11 13.91 -40.99 -10.98
N LEU A 12 12.58 -40.86 -10.87
CA LEU A 12 11.88 -41.21 -9.64
C LEU A 12 11.95 -42.72 -9.44
N ASP A 13 11.81 -43.48 -10.52
CA ASP A 13 11.85 -44.93 -10.49
C ASP A 13 13.28 -45.40 -10.03
N GLU A 14 14.34 -44.78 -10.57
CA GLU A 14 15.75 -44.95 -10.13
C GLU A 14 16.01 -44.63 -8.68
N GLY A 15 15.34 -43.60 -8.16
CA GLY A 15 15.32 -43.29 -6.73
C GLY A 15 16.28 -42.25 -6.15
N ARG A 16 17.34 -41.83 -6.88
CA ARG A 16 18.27 -40.78 -6.40
C ARG A 16 17.65 -39.36 -6.40
N LEU A 17 16.69 -39.11 -7.28
CA LEU A 17 15.75 -38.02 -7.12
C LEU A 17 14.51 -38.57 -6.44
N SER A 18 13.89 -37.83 -5.55
CA SER A 18 12.70 -38.34 -4.89
C SER A 18 11.78 -37.24 -4.35
N ILE A 19 10.48 -37.53 -4.38
CA ILE A 19 9.39 -36.60 -4.06
C ILE A 19 8.36 -37.39 -3.24
N ASN A 20 8.31 -37.16 -1.93
CA ASN A 20 7.49 -37.96 -0.98
C ASN A 20 6.39 -37.08 -0.37
N PRO A 21 5.10 -37.42 -0.50
CA PRO A 21 4.59 -38.53 -1.34
C PRO A 21 4.69 -38.25 -2.83
N ARG A 22 4.86 -39.30 -3.62
CA ARG A 22 5.04 -39.17 -5.04
C ARG A 22 3.72 -38.82 -5.74
N PRO A 23 3.63 -37.69 -6.44
CA PRO A 23 2.37 -37.32 -7.13
C PRO A 23 2.06 -38.28 -8.26
N PRO A 24 0.78 -38.51 -8.51
CA PRO A 24 0.39 -39.51 -9.51
C PRO A 24 0.76 -39.02 -10.90
N VAL A 25 0.50 -39.85 -11.90
CA VAL A 25 0.82 -39.56 -13.29
C VAL A 25 0.09 -38.32 -13.83
N GLU A 26 -1.09 -38.04 -13.31
CA GLU A 26 -1.88 -36.86 -13.71
C GLU A 26 -1.18 -35.53 -13.37
N ARG A 27 -0.25 -35.57 -12.42
CA ARG A 27 0.43 -34.37 -11.94
C ARG A 27 1.88 -34.23 -12.44
N ILE A 28 2.28 -35.10 -13.36
CA ILE A 28 3.62 -35.04 -13.94
C ILE A 28 3.44 -34.99 -15.40
N ASN A 29 3.70 -33.83 -16.00
CA ASN A 29 3.46 -33.62 -17.42
C ASN A 29 4.37 -32.51 -17.95
N GLY A 30 4.59 -32.55 -19.26
CA GLY A 30 5.43 -31.60 -19.95
C GLY A 30 6.86 -31.69 -19.51
N ALA A 31 7.25 -30.76 -18.63
CA ALA A 31 8.56 -30.76 -18.01
C ALA A 31 8.46 -30.43 -16.51
N THR A 32 7.31 -30.70 -15.89
CA THR A 32 7.08 -30.35 -14.49
C THR A 32 6.30 -31.37 -13.70
N VAL A 33 6.48 -31.27 -12.40
CA VAL A 33 5.71 -31.98 -11.41
C VAL A 33 4.99 -30.92 -10.60
N ASP A 34 3.69 -31.02 -10.52
CA ASP A 34 2.91 -30.14 -9.67
C ASP A 34 3.20 -30.46 -8.21
N VAL A 35 3.29 -29.43 -7.37
CA VAL A 35 3.38 -29.61 -5.94
C VAL A 35 2.17 -29.00 -5.27
N ARG A 36 1.91 -29.43 -4.04
CA ARG A 36 0.73 -29.03 -3.26
C ARG A 36 1.07 -28.19 -2.02
N LEU A 37 0.04 -27.61 -1.41
CA LEU A 37 0.21 -26.79 -0.21
C LEU A 37 0.05 -27.59 1.08
N GLY A 38 0.95 -27.30 2.02
CA GLY A 38 1.02 -28.01 3.28
C GLY A 38 0.12 -27.35 4.30
N ASN A 39 0.28 -27.71 5.56
CA ASN A 39 -0.61 -27.23 6.64
C ASN A 39 0.06 -26.35 7.68
N LYS A 40 1.21 -25.81 7.36
CA LYS A 40 1.89 -24.99 8.31
C LYS A 40 2.20 -23.60 7.73
N PHE A 41 2.09 -22.57 8.58
CA PHE A 41 2.17 -21.19 8.15
C PHE A 41 2.83 -20.26 9.20
N ARG A 42 3.32 -19.13 8.76
CA ARG A 42 3.87 -18.16 9.65
C ARG A 42 3.51 -16.76 9.15
N THR A 43 3.20 -15.89 10.11
CA THR A 43 2.99 -14.47 9.84
C THR A 43 3.97 -13.59 10.64
N PHE A 44 3.90 -12.28 10.38
CA PHE A 44 4.82 -11.33 10.97
C PHE A 44 4.11 -10.42 11.97
N ARG A 45 4.79 -10.07 13.05
CA ARG A 45 4.28 -9.23 14.10
C ARG A 45 5.21 -8.00 14.07
N GLY A 46 4.93 -7.04 13.19
CA GLY A 46 5.80 -5.93 12.98
C GLY A 46 5.89 -4.97 14.14
N HIS A 47 4.90 -5.04 15.00
CA HIS A 47 4.76 -4.09 16.08
C HIS A 47 5.76 -4.26 17.20
N THR A 48 6.58 -5.32 17.16
CA THR A 48 7.65 -5.59 18.18
C THR A 48 9.08 -5.13 17.82
N ALA A 49 9.27 -4.70 16.58
CA ALA A 49 10.57 -4.18 16.14
C ALA A 49 10.46 -3.05 15.10
N ALA A 50 11.51 -2.26 15.03
CA ALA A 50 11.60 -1.18 14.05
C ALA A 50 12.08 -1.67 12.69
N PHE A 51 12.99 -2.64 12.71
CA PHE A 51 13.59 -3.11 11.45
C PHE A 51 14.41 -4.38 11.71
N ILE A 52 14.91 -4.97 10.64
CA ILE A 52 15.82 -6.08 10.76
C ILE A 52 17.06 -5.68 10.06
N ASP A 53 18.17 -5.72 10.80
CA ASP A 53 19.50 -5.44 10.27
C ASP A 53 20.05 -6.69 9.64
N LEU A 54 19.98 -6.78 8.31
CA LEU A 54 20.29 -8.01 7.61
C LEU A 54 21.70 -8.53 7.86
N SER A 55 22.69 -7.63 8.01
CA SER A 55 24.06 -8.08 8.36
C SER A 55 24.56 -7.23 9.49
N GLY A 56 23.79 -7.26 10.57
CA GLY A 56 24.17 -6.64 11.81
C GLY A 56 24.56 -7.73 12.80
N PRO A 57 24.87 -7.33 14.05
CA PRO A 57 25.39 -8.28 15.05
C PRO A 57 24.46 -9.48 15.25
N LYS A 58 25.02 -10.69 15.26
CA LYS A 58 24.25 -11.94 15.21
C LYS A 58 23.18 -12.09 16.29
N ASP A 59 23.52 -11.78 17.54
CA ASP A 59 22.60 -12.01 18.68
C ASP A 59 21.33 -11.08 18.64
N GLU A 60 21.53 -9.81 18.23
CA GLU A 60 20.45 -8.80 18.07
C GLU A 60 19.52 -9.08 16.87
N VAL A 61 20.02 -9.80 15.85
CA VAL A 61 19.24 -10.16 14.65
C VAL A 61 18.47 -11.42 14.91
N SER A 62 19.04 -12.34 15.70
CA SER A 62 18.32 -13.54 16.16
C SER A 62 17.24 -13.15 17.12
N ALA A 63 17.48 -12.12 17.95
CA ALA A 63 16.47 -11.65 18.93
C ALA A 63 15.29 -11.01 18.21
N ALA A 64 15.61 -10.17 17.21
CA ALA A 64 14.60 -9.46 16.39
C ALA A 64 13.74 -10.40 15.55
N LEU A 65 14.36 -11.41 14.92
CA LEU A 65 13.62 -12.42 14.17
C LEU A 65 12.64 -13.21 15.02
N ASP A 66 13.06 -13.60 16.23
CA ASP A 66 12.20 -14.31 17.19
C ASP A 66 11.01 -13.46 17.64
N ARG A 67 11.18 -12.16 17.70
CA ARG A 67 10.14 -11.28 18.16
C ARG A 67 9.10 -11.03 17.07
N VAL A 68 9.52 -10.88 15.81
CA VAL A 68 8.61 -10.62 14.68
C VAL A 68 7.95 -11.86 14.06
N SER A 70 5.64 -14.97 14.16
CA SER A 70 4.57 -15.66 14.89
C SER A 70 5.03 -17.10 15.10
N ASP A 71 4.41 -17.82 16.00
CA ASP A 71 4.78 -19.25 16.08
C ASP A 71 3.98 -19.86 14.92
N GLU A 72 4.21 -21.12 14.72
CA GLU A 72 3.68 -21.82 13.58
C GLU A 72 2.15 -22.01 13.69
N ILE A 73 1.47 -21.74 12.59
CA ILE A 73 0.05 -21.86 12.50
C ILE A 73 -0.27 -23.19 11.81
N VAL A 74 -1.09 -24.03 12.46
CA VAL A 74 -1.45 -25.34 11.94
C VAL A 74 -2.96 -25.24 11.73
N LEU A 75 -3.47 -25.24 10.49
CA LEU A 75 -4.92 -25.09 10.26
C LEU A 75 -5.73 -26.35 10.61
N ASP A 76 -6.86 -26.15 11.29
CA ASP A 76 -7.81 -27.20 11.67
C ASP A 76 -8.68 -27.68 10.49
N GLU A 77 -9.51 -28.71 10.71
CA GLU A 77 -10.28 -29.37 9.62
C GLU A 77 -11.16 -28.40 8.81
N GLY A 78 -10.98 -28.39 7.49
CA GLY A 78 -11.78 -27.52 6.63
C GLY A 78 -11.57 -26.01 6.82
N GLU A 79 -10.44 -25.64 7.40
CA GLU A 79 -10.11 -24.27 7.71
C GLU A 79 -9.12 -23.76 6.65
N ALA A 80 -9.16 -22.45 6.47
CA ALA A 80 -8.38 -21.74 5.43
C ALA A 80 -7.42 -20.72 6.04
N PHE A 81 -6.34 -20.44 5.31
CA PHE A 81 -5.45 -19.30 5.60
C PHE A 81 -5.85 -18.20 4.61
N TYR A 82 -6.19 -17.03 5.14
CA TYR A 82 -6.62 -15.90 4.31
C TYR A 82 -5.48 -14.94 4.03
N LEU A 83 -4.96 -14.97 2.81
CA LEU A 83 -3.84 -14.12 2.38
C LEU A 83 -4.37 -12.84 1.81
N HIS A 84 -4.27 -11.77 2.59
CA HIS A 84 -4.79 -10.48 2.18
C HIS A 84 -3.75 -9.78 1.25
N PRO A 85 -4.23 -8.95 0.32
CA PRO A 85 -3.33 -8.09 -0.45
C PRO A 85 -2.30 -7.39 0.49
N GLY A 86 -1.07 -7.35 -0.01
CA GLY A 86 0.03 -6.66 0.62
C GLY A 86 0.57 -7.38 1.85
N GLU A 87 0.20 -8.62 2.07
CA GLU A 87 0.63 -9.35 3.29
C GLU A 87 1.52 -10.49 2.85
N LEU A 88 2.71 -10.51 3.45
CA LEU A 88 3.67 -11.57 3.20
C LEU A 88 3.41 -12.65 4.23
N ALA A 89 3.50 -13.89 3.80
CA ALA A 89 3.36 -15.02 4.73
C ALA A 89 4.26 -16.17 4.31
N LEU A 90 4.66 -16.99 5.26
CA LEU A 90 5.40 -18.20 4.97
C LEU A 90 4.48 -19.40 4.99
N ALA A 91 4.78 -20.37 4.14
CA ALA A 91 4.08 -21.61 4.11
C ALA A 91 5.08 -22.73 3.72
N VAL A 92 4.57 -23.91 3.41
CA VAL A 92 5.40 -25.03 3.08
C VAL A 92 4.72 -25.93 2.05
N THR A 93 5.50 -26.63 1.25
CA THR A 93 4.91 -27.65 0.39
C THR A 93 4.53 -28.89 1.20
N LEU A 94 3.50 -29.57 0.77
CA LEU A 94 3.13 -30.89 1.33
C LEU A 94 4.28 -31.88 1.06
N GLU A 95 4.82 -31.84 -0.17
CA GLU A 95 5.85 -32.79 -0.61
C GLU A 95 7.24 -32.46 -0.07
N SER A 96 7.94 -33.48 0.36
CA SER A 96 9.35 -33.43 0.59
C SER A 96 10.00 -33.81 -0.75
N VAL A 97 11.03 -33.05 -1.13
CA VAL A 97 11.84 -33.33 -2.29
C VAL A 97 13.28 -33.64 -1.86
N THR A 98 13.91 -34.60 -2.54
CA THR A 98 15.32 -34.90 -2.34
C THR A 98 16.00 -34.96 -3.69
N LEU A 99 17.01 -34.12 -3.88
CA LEU A 99 17.76 -34.11 -5.13
C LEU A 99 19.17 -34.66 -4.92
N PRO A 100 19.69 -35.37 -5.91
CA PRO A 100 21.07 -35.80 -5.87
C PRO A 100 22.03 -34.65 -6.25
N ALA A 101 23.33 -34.92 -6.20
CA ALA A 101 24.36 -33.91 -6.41
C ALA A 101 24.42 -33.41 -7.85
N ASP A 102 23.86 -34.17 -8.79
CA ASP A 102 23.99 -33.79 -10.21
C ASP A 102 22.71 -33.22 -10.80
N LEU A 103 21.89 -32.64 -9.94
CA LEU A 103 20.59 -32.12 -10.33
C LEU A 103 20.17 -30.87 -9.54
N VAL A 104 19.68 -29.87 -10.24
CA VAL A 104 19.11 -28.68 -9.62
C VAL A 104 17.63 -28.60 -9.99
N GLY A 105 16.84 -28.10 -9.04
CA GLY A 105 15.40 -27.94 -9.23
C GLY A 105 14.94 -26.49 -9.25
N TRP A 106 13.79 -26.26 -9.85
CA TRP A 106 13.27 -24.92 -9.95
C TRP A 106 11.78 -24.89 -9.69
N LEU A 107 11.40 -24.03 -8.77
CA LEU A 107 10.02 -23.81 -8.35
C LEU A 107 9.31 -22.72 -9.16
N ASP A 108 8.25 -23.11 -9.87
CA ASP A 108 7.30 -22.18 -10.49
C ASP A 108 6.07 -22.03 -9.60
N GLY A 109 5.37 -20.92 -9.77
CA GLY A 109 4.01 -20.81 -9.30
C GLY A 109 3.07 -21.37 -10.37
N ARG A 110 1.90 -20.78 -10.48
CA ARG A 110 0.94 -21.19 -11.48
C ARG A 110 0.32 -20.00 -12.17
N SER A 111 0.09 -20.12 -13.47
CA SER A 111 -0.53 -19.03 -14.22
C SER A 111 -1.91 -18.66 -13.71
N SER A 112 -2.65 -19.64 -13.24
CA SER A 112 -3.98 -19.40 -12.66
C SER A 112 -3.91 -18.55 -11.39
N LEU A 113 -2.83 -18.71 -10.63
CA LEU A 113 -2.63 -18.01 -9.38
C LEU A 113 -2.00 -16.65 -9.69
N ALA A 114 -1.09 -16.61 -10.65
CA ALA A 114 -0.50 -15.35 -11.10
C ALA A 114 -1.56 -14.36 -11.51
N ARG A 115 -2.61 -14.85 -12.14
CA ARG A 115 -3.67 -14.00 -12.67
C ARG A 115 -4.58 -13.42 -11.57
N LEU A 116 -4.36 -13.86 -10.33
CA LEU A 116 -4.98 -13.33 -9.13
C LEU A 116 -3.93 -12.72 -8.18
N GLY A 117 -2.70 -12.59 -8.67
CA GLY A 117 -1.64 -11.91 -7.95
C GLY A 117 -0.86 -12.73 -6.94
N LEU A 118 -1.10 -14.01 -6.88
CA LEU A 118 -0.37 -14.82 -5.86
C LEU A 118 1.03 -15.23 -6.32
N VAL A 120 4.45 -17.24 -5.32
CA VAL A 120 4.79 -18.36 -4.47
C VAL A 120 6.25 -18.39 -4.03
N HIS A 121 7.05 -17.51 -4.61
CA HIS A 121 8.39 -17.25 -4.15
C HIS A 121 8.63 -15.77 -4.33
N VAL A 122 9.71 -15.32 -3.69
CA VAL A 122 10.13 -13.93 -3.66
C VAL A 122 11.59 -13.93 -4.15
N THR A 123 11.71 -13.90 -5.47
CA THR A 123 12.95 -14.14 -6.19
C THR A 123 13.93 -15.06 -5.43
N ALA A 124 13.47 -16.25 -5.07
CA ALA A 124 14.30 -17.37 -4.63
C ALA A 124 13.51 -18.69 -4.87
N HIS A 125 13.88 -19.41 -5.93
CA HIS A 125 13.13 -20.58 -6.36
C HIS A 125 14.04 -21.71 -6.84
N ARG A 126 15.31 -21.65 -6.45
CA ARG A 126 16.29 -22.71 -6.73
C ARG A 126 16.32 -23.72 -5.60
N ILE A 127 16.12 -24.98 -5.95
CA ILE A 127 16.21 -26.09 -5.05
C ILE A 127 17.54 -26.76 -5.37
N ASP A 128 18.46 -26.72 -4.42
CA ASP A 128 19.83 -27.10 -4.73
C ASP A 128 20.09 -28.59 -4.83
N PRO A 129 21.13 -28.95 -5.58
CA PRO A 129 21.58 -30.35 -5.60
C PRO A 129 21.92 -30.74 -4.16
N GLY A 130 21.54 -31.93 -3.72
CA GLY A 130 21.73 -32.36 -2.36
C GLY A 130 20.66 -31.92 -1.37
N TRP A 131 19.77 -31.03 -1.83
CA TRP A 131 18.66 -30.59 -1.02
C TRP A 131 17.84 -31.81 -0.57
N SER A 132 17.33 -31.76 0.65
CA SER A 132 16.41 -32.77 1.09
C SER A 132 15.47 -32.19 2.11
N GLY A 133 14.20 -32.12 1.78
CA GLY A 133 13.22 -31.53 2.68
C GLY A 133 12.03 -30.90 1.97
N CYS A 134 11.07 -30.52 2.79
CA CYS A 134 9.91 -29.77 2.35
C CYS A 134 10.40 -28.39 1.93
N ILE A 135 9.73 -27.79 0.96
CA ILE A 135 10.11 -26.50 0.45
C ILE A 135 9.29 -25.38 1.13
N VAL A 136 9.99 -24.42 1.71
CA VAL A 136 9.33 -23.29 2.37
C VAL A 136 8.92 -22.22 1.36
N LEU A 137 7.66 -21.84 1.40
CA LEU A 137 7.09 -20.94 0.40
C LEU A 137 6.96 -19.58 1.01
N ALA A 138 7.38 -18.56 0.26
CA ALA A 138 7.20 -17.18 0.66
C ALA A 138 6.11 -16.59 -0.24
N PHE A 139 4.91 -16.47 0.29
CA PHE A 139 3.73 -16.05 -0.47
C PHE A 139 3.58 -14.55 -0.40
N TYR A 140 3.21 -13.90 -1.49
CA TYR A 140 2.75 -12.53 -1.43
C TYR A 140 1.55 -12.30 -2.35
N ASN A 141 0.52 -11.66 -1.86
CA ASN A 141 -0.70 -11.38 -2.63
C ASN A 141 -0.60 -9.98 -3.19
N SER A 142 -0.26 -9.89 -4.48
CA SER A 142 -0.13 -8.61 -5.17
C SER A 142 -1.42 -8.15 -5.85
N GLY A 143 -2.48 -8.95 -5.71
CA GLY A 143 -3.75 -8.66 -6.32
C GLY A 143 -4.67 -7.80 -5.48
N LYS A 144 -5.93 -7.82 -5.88
CA LYS A 144 -6.99 -6.96 -5.36
C LYS A 144 -7.90 -7.69 -4.41
N LEU A 145 -7.87 -9.01 -4.45
CA LEU A 145 -8.71 -9.81 -3.56
C LEU A 145 -7.94 -10.73 -2.60
N PRO A 146 -8.44 -10.83 -1.36
CA PRO A 146 -7.93 -11.82 -0.42
C PRO A 146 -8.11 -13.18 -1.05
N LEU A 147 -7.20 -14.10 -0.78
CA LEU A 147 -7.28 -15.43 -1.36
C LEU A 147 -7.26 -16.44 -0.24
N ALA A 148 -8.26 -17.30 -0.20
CA ALA A 148 -8.30 -18.39 0.77
C ALA A 148 -7.44 -19.58 0.29
N LEU A 149 -6.41 -19.90 1.08
CA LEU A 149 -5.50 -20.99 0.83
C LEU A 149 -5.82 -22.17 1.74
N ARG A 150 -6.09 -23.34 1.14
CA ARG A 150 -6.43 -24.56 1.87
C ARG A 150 -5.39 -25.66 1.58
N PRO A 151 -4.92 -26.35 2.63
CA PRO A 151 -3.96 -27.47 2.49
C PRO A 151 -4.42 -28.44 1.45
N GLY A 152 -3.49 -28.92 0.64
CA GLY A 152 -3.79 -29.89 -0.39
C GLY A 152 -3.98 -29.28 -1.78
N LEU A 154 -3.24 -27.38 -5.27
CA LEU A 154 -2.11 -27.26 -6.19
C LEU A 154 -1.60 -25.85 -6.09
N ILE A 155 -0.31 -25.71 -5.73
CA ILE A 155 0.26 -24.41 -5.43
C ILE A 155 1.41 -24.04 -6.36
N GLY A 156 2.03 -25.03 -6.99
CA GLY A 156 3.16 -24.76 -7.83
C GLY A 156 3.67 -25.93 -8.62
N ALA A 157 4.83 -25.78 -9.21
CA ALA A 157 5.39 -26.81 -10.05
C ALA A 157 6.91 -26.82 -9.96
N LEU A 158 7.49 -28.01 -10.12
CA LEU A 158 8.94 -28.16 -10.10
C LEU A 158 9.43 -28.70 -11.41
N SER A 159 10.49 -28.09 -11.94
CA SER A 159 11.20 -28.62 -13.11
C SER A 159 12.60 -28.99 -12.65
N PHE A 160 13.26 -29.82 -13.42
CA PHE A 160 14.57 -30.36 -13.01
C PHE A 160 15.60 -30.33 -14.11
N GLU A 161 16.81 -29.99 -13.75
CA GLU A 161 17.85 -29.67 -14.71
C GLU A 161 19.13 -30.43 -14.32
N PRO A 162 19.59 -31.39 -15.13
CA PRO A 162 20.90 -32.03 -14.89
C PRO A 162 22.02 -31.00 -14.94
N LEU A 163 23.00 -31.17 -14.05
CA LEU A 163 24.15 -30.29 -13.98
C LEU A 163 25.22 -30.88 -14.90
N SER A 164 26.24 -30.08 -15.17
CA SER A 164 27.28 -30.48 -16.07
C SER A 164 28.02 -31.69 -15.50
N GLY A 165 28.04 -31.79 -14.19
CA GLY A 165 28.57 -32.95 -13.52
C GLY A 165 28.01 -32.92 -12.12
N PRO A 166 28.41 -33.87 -11.29
CA PRO A 166 27.96 -33.88 -9.90
C PRO A 166 28.58 -32.77 -9.10
N ALA A 167 27.83 -32.01 -8.31
CA ALA A 167 28.42 -30.97 -7.48
C ALA A 167 29.38 -31.51 -6.42
N VAL A 168 30.53 -30.86 -6.25
CA VAL A 168 31.52 -31.22 -5.24
C VAL A 168 31.06 -30.84 -3.86
N ARG A 169 30.36 -29.72 -3.77
CA ARG A 169 29.79 -29.20 -2.52
C ARG A 169 28.27 -29.08 -2.62
N PRO A 170 27.57 -30.20 -2.64
CA PRO A 170 26.10 -30.16 -2.65
C PRO A 170 25.56 -29.73 -1.27
N TYR A 171 24.26 -29.46 -1.23
CA TYR A 171 23.67 -28.83 -0.07
C TYR A 171 23.77 -29.66 1.18
N ASN A 172 23.59 -30.96 1.08
CA ASN A 172 23.60 -31.86 2.25
C ASN A 172 24.94 -31.91 2.99
N ARG A 173 26.06 -31.59 2.32
CA ARG A 173 27.39 -31.74 2.92
C ARG A 173 28.07 -30.41 3.27
N ARG A 174 27.36 -29.32 3.07
CA ARG A 174 27.92 -27.97 3.24
C ARG A 174 27.72 -27.45 4.67
N GLU A 175 28.81 -27.07 5.35
CA GLU A 175 28.74 -26.81 6.80
C GLU A 175 27.94 -25.55 7.15
N ASP A 176 27.97 -24.54 6.29
CA ASP A 176 27.22 -23.31 6.58
C ASP A 176 25.89 -23.19 5.80
N ALA A 177 25.37 -24.31 5.28
CA ALA A 177 24.00 -24.39 4.76
C ALA A 177 22.96 -24.26 5.90
N LYS A 178 21.91 -23.50 5.64
CA LYS A 178 21.01 -23.05 6.68
C LYS A 178 19.80 -23.96 6.90
N TYR A 179 19.35 -24.65 5.84
CA TYR A 179 18.01 -25.21 5.80
C TYR A 179 17.90 -26.71 5.54
N ARG A 180 18.89 -27.48 5.95
CA ARG A 180 18.77 -28.96 5.94
C ARG A 180 17.81 -29.41 7.03
N ASN A 181 17.23 -30.60 6.86
CA ASN A 181 16.32 -31.15 7.89
C ASN A 181 15.15 -30.19 8.12
N GLN A 182 14.78 -29.40 7.09
CA GLN A 182 13.71 -28.39 7.17
C GLN A 182 12.30 -29.02 7.04
N GLN A 183 11.47 -28.82 8.07
CA GLN A 183 10.22 -29.58 8.22
C GLN A 183 8.90 -28.80 8.09
N GLY A 184 8.91 -27.56 8.58
CA GLY A 184 7.71 -26.73 8.52
C GLY A 184 7.95 -25.38 7.84
N ALA A 185 7.15 -24.39 8.22
CA ALA A 185 7.29 -23.05 7.69
C ALA A 185 8.38 -22.34 8.47
N VAL A 186 9.61 -22.73 8.19
CA VAL A 186 10.79 -22.24 8.87
C VAL A 186 11.09 -20.81 8.44
N ALA A 187 11.38 -19.96 9.44
CA ALA A 187 11.63 -18.53 9.27
C ALA A 187 13.02 -18.28 8.76
N SER A 188 13.26 -17.04 8.33
CA SER A 188 14.56 -16.69 7.79
C SER A 188 15.63 -16.95 8.80
N ARG A 189 16.74 -17.53 8.36
CA ARG A 189 17.92 -17.73 9.21
C ARG A 189 19.13 -16.87 8.71
N ILE A 190 18.86 -15.65 8.25
CA ILE A 190 19.84 -14.68 7.74
C ILE A 190 20.94 -14.35 8.77
N ASP A 191 20.58 -14.47 10.04
CA ASP A 191 21.51 -14.29 11.16
C ASP A 191 22.67 -15.31 11.23
N LYS A 192 22.62 -16.40 10.46
CA LYS A 192 23.70 -17.40 10.43
C LYS A 192 24.76 -17.13 9.31
N ASP A 193 24.57 -16.10 8.47
CA ASP A 193 25.68 -15.58 7.63
C ASP A 193 26.90 -15.22 8.46
N ARG B 2 20.29 -23.35 -23.24
CA ARG B 2 19.37 -22.51 -24.02
C ARG B 2 19.83 -22.34 -25.47
N LEU B 3 18.88 -22.24 -26.36
CA LEU B 3 19.22 -21.95 -27.74
C LEU B 3 19.81 -20.55 -27.88
N CYS B 4 20.96 -20.49 -28.56
CA CYS B 4 21.51 -19.18 -28.93
C CYS B 4 20.73 -18.61 -30.10
N ASP B 5 20.94 -17.34 -30.38
CA ASP B 5 20.16 -16.62 -31.38
C ASP B 5 20.12 -17.28 -32.76
N ARG B 6 21.28 -17.63 -33.28
CA ARG B 6 21.35 -18.25 -34.61
C ARG B 6 20.48 -19.50 -34.65
N ASP B 7 20.57 -20.32 -33.62
CA ASP B 7 19.76 -21.51 -33.56
C ASP B 7 18.27 -21.19 -33.33
N ILE B 8 17.96 -20.08 -32.65
CA ILE B 8 16.56 -19.62 -32.59
C ILE B 8 16.07 -19.28 -34.00
N GLU B 9 16.95 -18.72 -34.83
CA GLU B 9 16.65 -18.50 -36.26
C GLU B 9 16.51 -19.81 -37.07
N ALA B 10 17.24 -20.87 -36.67
CA ALA B 10 17.21 -22.17 -37.31
C ALA B 10 15.92 -22.85 -36.99
N TRP B 11 15.55 -22.93 -35.69
CA TRP B 11 14.36 -23.70 -35.28
C TRP B 11 13.12 -23.04 -35.93
N LEU B 12 13.13 -21.70 -36.01
CA LEU B 12 12.02 -20.97 -36.65
C LEU B 12 11.90 -21.22 -38.16
N ASP B 13 13.06 -21.33 -38.82
CA ASP B 13 13.15 -21.61 -40.25
C ASP B 13 12.63 -22.99 -40.55
N GLU B 14 12.95 -23.91 -39.69
CA GLU B 14 12.63 -25.29 -39.91
C GLU B 14 11.18 -25.59 -39.48
N GLY B 15 10.46 -24.57 -38.98
CA GLY B 15 9.12 -24.79 -38.45
C GLY B 15 9.13 -25.63 -37.18
N ARG B 16 10.25 -25.65 -36.47
CA ARG B 16 10.39 -26.44 -35.25
C ARG B 16 9.72 -25.78 -34.06
N LEU B 17 9.63 -24.45 -34.14
CA LEU B 17 8.75 -23.69 -33.34
C LEU B 17 8.31 -22.50 -34.19
N SER B 18 7.26 -21.81 -33.74
CA SER B 18 6.73 -20.63 -34.43
C SER B 18 6.57 -19.50 -33.44
N ILE B 19 6.88 -18.31 -33.95
CA ILE B 19 6.49 -17.08 -33.31
C ILE B 19 5.83 -16.26 -34.39
N ASN B 20 4.58 -15.90 -34.18
CA ASN B 20 3.78 -15.24 -35.21
C ASN B 20 3.08 -13.97 -34.66
N PRO B 21 3.35 -12.80 -35.23
CA PRO B 21 4.30 -12.61 -36.34
C PRO B 21 5.74 -12.80 -35.90
N ARG B 22 6.60 -13.24 -36.83
CA ARG B 22 7.97 -13.51 -36.51
C ARG B 22 8.71 -12.19 -36.31
N PRO B 23 9.35 -11.98 -35.16
CA PRO B 23 10.13 -10.73 -34.96
C PRO B 23 11.37 -10.71 -35.85
N PRO B 24 11.79 -9.53 -36.26
CA PRO B 24 12.91 -9.42 -37.19
C PRO B 24 14.24 -9.72 -36.48
N VAL B 25 15.30 -9.75 -37.26
CA VAL B 25 16.61 -10.12 -36.75
C VAL B 25 17.10 -9.16 -35.58
N GLU B 26 16.67 -7.89 -35.58
CA GLU B 26 17.09 -6.91 -34.53
C GLU B 26 16.56 -7.29 -33.11
N ARG B 27 15.53 -8.16 -33.10
CA ARG B 27 14.86 -8.56 -31.87
C ARG B 27 15.19 -10.00 -31.42
N ILE B 28 16.09 -10.70 -32.13
CA ILE B 28 16.55 -12.01 -31.78
C ILE B 28 18.06 -11.91 -31.57
N ASN B 29 18.51 -12.08 -30.34
CA ASN B 29 19.89 -11.90 -30.03
C ASN B 29 20.25 -12.57 -28.70
N GLY B 30 21.54 -12.89 -28.56
CA GLY B 30 22.03 -13.61 -27.40
C GLY B 30 21.38 -15.00 -27.27
N ALA B 31 20.37 -15.10 -26.41
CA ALA B 31 19.64 -16.35 -26.20
C ALA B 31 18.17 -16.10 -26.05
N THR B 32 17.71 -14.97 -26.60
CA THR B 32 16.33 -14.53 -26.45
C THR B 32 15.73 -13.88 -27.68
N VAL B 33 14.39 -13.94 -27.68
CA VAL B 33 13.56 -13.26 -28.62
C VAL B 33 12.72 -12.27 -27.79
N ASP B 34 12.80 -11.01 -28.14
CA ASP B 34 11.94 -9.99 -27.52
C ASP B 34 10.51 -10.22 -27.96
N VAL B 35 9.56 -10.00 -27.06
CA VAL B 35 8.16 -10.01 -27.41
C VAL B 35 7.53 -8.63 -27.11
N ARG B 36 6.38 -8.38 -27.70
CA ARG B 36 5.72 -7.09 -27.69
C ARG B 36 4.41 -7.21 -26.95
N LEU B 37 3.90 -6.07 -26.46
CA LEU B 37 2.60 -6.02 -25.80
C LEU B 37 1.45 -6.05 -26.83
N GLY B 38 0.43 -6.85 -26.51
CA GLY B 38 -0.85 -6.89 -27.22
C GLY B 38 -1.78 -5.70 -26.92
N ASN B 39 -3.01 -5.76 -27.40
CA ASN B 39 -3.93 -4.64 -27.19
C ASN B 39 -5.21 -5.00 -26.44
N LYS B 40 -5.13 -6.03 -25.59
CA LYS B 40 -6.24 -6.46 -24.75
C LYS B 40 -5.83 -6.52 -23.27
N PHE B 41 -6.73 -6.08 -22.40
CA PHE B 41 -6.41 -5.93 -20.98
C PHE B 41 -7.60 -6.30 -20.11
N ARG B 42 -7.31 -6.60 -18.88
CA ARG B 42 -8.37 -6.84 -17.90
C ARG B 42 -7.97 -6.30 -16.52
N THR B 43 -8.95 -5.70 -15.82
CA THR B 43 -8.78 -5.22 -14.45
C THR B 43 -9.74 -5.90 -13.53
N PHE B 44 -9.64 -5.57 -12.25
CA PHE B 44 -10.40 -6.22 -11.19
C PHE B 44 -11.39 -5.26 -10.54
N ARG B 45 -12.54 -5.80 -10.17
CA ARG B 45 -13.63 -5.06 -9.56
C ARG B 45 -13.78 -5.69 -8.18
N GLY B 46 -12.97 -5.24 -7.24
CA GLY B 46 -12.95 -5.89 -5.95
C GLY B 46 -14.20 -5.68 -5.13
N HIS B 47 -14.94 -4.63 -5.44
CA HIS B 47 -16.11 -4.26 -4.65
C HIS B 47 -17.29 -5.22 -4.75
N THR B 48 -17.24 -6.19 -5.68
CA THR B 48 -18.30 -7.18 -5.85
C THR B 48 -18.11 -8.49 -5.09
N ALA B 49 -16.97 -8.65 -4.43
CA ALA B 49 -16.73 -9.87 -3.64
C ALA B 49 -15.79 -9.62 -2.48
N ALA B 50 -15.89 -10.49 -1.48
CA ALA B 50 -15.04 -10.43 -0.28
C ALA B 50 -13.71 -11.15 -0.49
N PHE B 51 -13.72 -12.25 -1.22
CA PHE B 51 -12.51 -13.03 -1.43
C PHE B 51 -12.71 -14.07 -2.52
N ILE B 52 -11.64 -14.74 -2.91
CA ILE B 52 -11.75 -15.87 -3.80
C ILE B 52 -11.24 -17.12 -3.06
N ASP B 53 -12.10 -18.12 -3.00
CA ASP B 53 -11.74 -19.39 -2.38
C ASP B 53 -11.05 -20.29 -3.40
N LEU B 54 -9.72 -20.30 -3.40
CA LEU B 54 -8.98 -20.91 -4.49
C LEU B 54 -9.36 -22.38 -4.79
N SER B 55 -9.72 -23.15 -3.78
CA SER B 55 -10.11 -24.53 -3.99
C SER B 55 -11.40 -24.78 -3.27
N GLY B 56 -12.33 -23.88 -3.45
CA GLY B 56 -13.67 -24.02 -2.87
C GLY B 56 -14.60 -24.55 -3.93
N PRO B 57 -15.88 -24.67 -3.63
CA PRO B 57 -16.83 -25.30 -4.58
C PRO B 57 -16.77 -24.64 -5.96
N LYS B 58 -16.73 -25.46 -7.00
CA LYS B 58 -16.53 -24.97 -8.36
C LYS B 58 -17.50 -23.83 -8.79
N ASP B 59 -18.79 -23.97 -8.44
CA ASP B 59 -19.81 -22.94 -8.72
C ASP B 59 -19.45 -21.61 -8.06
N GLU B 60 -19.32 -21.58 -6.72
CA GLU B 60 -19.03 -20.34 -5.97
C GLU B 60 -17.84 -19.57 -6.57
N VAL B 61 -16.79 -20.31 -6.95
CA VAL B 61 -15.51 -19.75 -7.41
C VAL B 61 -15.65 -19.08 -8.78
N SER B 62 -16.38 -19.76 -9.66
CA SER B 62 -16.66 -19.27 -11.02
C SER B 62 -17.56 -18.04 -11.00
N ALA B 63 -18.55 -18.08 -10.12
CA ALA B 63 -19.48 -16.97 -10.00
C ALA B 63 -18.71 -15.75 -9.51
N ALA B 64 -17.83 -15.99 -8.54
CA ALA B 64 -16.97 -14.93 -8.01
C ALA B 64 -15.98 -14.36 -9.05
N LEU B 65 -15.34 -15.22 -9.84
CA LEU B 65 -14.41 -14.74 -10.86
C LEU B 65 -15.12 -13.86 -11.88
N ASP B 66 -16.31 -14.28 -12.28
CA ASP B 66 -17.08 -13.55 -13.28
C ASP B 66 -17.51 -12.17 -12.75
N ARG B 67 -17.86 -12.08 -11.47
CA ARG B 67 -18.11 -10.80 -10.78
C ARG B 67 -16.89 -9.82 -10.75
N VAL B 68 -15.70 -10.32 -10.37
CA VAL B 68 -14.52 -9.47 -10.17
C VAL B 68 -13.74 -9.13 -11.45
N SER B 70 -13.30 -7.50 -14.92
CA SER B 70 -13.84 -6.55 -15.88
C SER B 70 -14.01 -7.23 -17.24
N ASP B 71 -14.69 -6.58 -18.16
CA ASP B 71 -14.76 -7.13 -19.47
C ASP B 71 -13.40 -6.80 -20.07
N GLU B 72 -13.14 -7.39 -21.22
CA GLU B 72 -11.92 -7.12 -21.91
C GLU B 72 -11.87 -5.67 -22.41
N ILE B 73 -10.73 -5.02 -22.20
CA ILE B 73 -10.49 -3.65 -22.59
C ILE B 73 -9.66 -3.72 -23.86
N VAL B 74 -10.13 -3.04 -24.90
CA VAL B 74 -9.46 -2.99 -26.19
C VAL B 74 -9.10 -1.53 -26.42
N LEU B 75 -7.81 -1.25 -26.57
CA LEU B 75 -7.35 0.13 -26.67
C LEU B 75 -7.51 0.65 -28.09
N ASP B 76 -7.95 1.89 -28.21
CA ASP B 76 -8.02 2.57 -29.53
C ASP B 76 -6.58 2.81 -30.12
N GLU B 77 -6.50 3.27 -31.38
CA GLU B 77 -5.26 3.85 -31.99
C GLU B 77 -4.76 5.05 -31.13
N GLY B 78 -3.47 5.07 -30.76
CA GLY B 78 -2.97 6.12 -29.87
C GLY B 78 -3.07 5.90 -28.34
N GLU B 79 -4.05 5.14 -27.89
CA GLU B 79 -4.42 5.04 -26.46
C GLU B 79 -3.49 4.20 -25.63
N ALA B 80 -3.40 4.56 -24.35
CA ALA B 80 -2.52 3.92 -23.36
C ALA B 80 -3.35 3.26 -22.28
N PHE B 81 -2.77 2.24 -21.67
CA PHE B 81 -3.29 1.66 -20.43
C PHE B 81 -2.36 2.18 -19.35
N TYR B 82 -2.93 2.82 -18.32
CA TYR B 82 -2.15 3.39 -17.21
C TYR B 82 -2.09 2.41 -16.07
N LEU B 83 -0.94 1.80 -15.88
CA LEU B 83 -0.71 0.89 -14.76
C LEU B 83 -0.18 1.64 -13.55
N HIS B 84 -1.01 1.78 -12.53
CA HIS B 84 -0.62 2.57 -11.35
C HIS B 84 0.06 1.67 -10.34
N PRO B 85 0.90 2.21 -9.49
CA PRO B 85 1.45 1.43 -8.37
C PRO B 85 0.41 0.67 -7.59
N GLY B 86 0.75 -0.59 -7.28
CA GLY B 86 -0.06 -1.46 -6.46
C GLY B 86 -1.26 -2.03 -7.16
N GLU B 87 -1.32 -1.89 -8.47
CA GLU B 87 -2.49 -2.35 -9.23
C GLU B 87 -2.03 -3.53 -10.11
N LEU B 88 -2.74 -4.63 -9.98
CA LEU B 88 -2.51 -5.82 -10.79
C LEU B 88 -3.44 -5.72 -11.98
N ALA B 89 -2.92 -6.06 -13.15
CA ALA B 89 -3.71 -6.08 -14.37
C ALA B 89 -3.27 -7.21 -15.31
N LEU B 90 -4.21 -7.68 -16.13
CA LEU B 90 -3.92 -8.72 -17.10
C LEU B 90 -3.77 -8.08 -18.43
N ALA B 91 -2.87 -8.65 -19.23
CA ALA B 91 -2.63 -8.21 -20.56
C ALA B 91 -2.28 -9.44 -21.42
N VAL B 92 -1.80 -9.22 -22.64
CA VAL B 92 -1.43 -10.33 -23.53
C VAL B 92 -0.27 -9.92 -24.46
N THR B 93 0.51 -10.90 -24.92
CA THR B 93 1.56 -10.60 -25.91
C THR B 93 0.90 -10.46 -27.26
N LEU B 94 1.50 -9.64 -28.12
CA LEU B 94 1.09 -9.49 -29.52
C LEU B 94 1.37 -10.81 -30.24
N GLU B 95 2.51 -11.41 -29.96
CA GLU B 95 2.92 -12.65 -30.61
C GLU B 95 2.19 -13.90 -30.06
N SER B 96 1.76 -14.75 -30.99
CA SER B 96 1.41 -16.13 -30.68
C SER B 96 2.66 -16.96 -30.72
N VAL B 97 2.82 -17.88 -29.76
CA VAL B 97 3.95 -18.78 -29.70
C VAL B 97 3.47 -20.21 -29.75
N THR B 98 4.16 -21.04 -30.53
CA THR B 98 3.86 -22.45 -30.60
C THR B 98 5.13 -23.23 -30.36
N LEU B 99 5.12 -24.06 -29.31
CA LEU B 99 6.25 -24.95 -28.99
C LEU B 99 5.98 -26.42 -29.23
N PRO B 100 6.97 -27.14 -29.69
CA PRO B 100 6.81 -28.59 -29.88
C PRO B 100 6.94 -29.32 -28.52
N ALA B 101 6.83 -30.64 -28.59
CA ALA B 101 6.82 -31.44 -27.40
C ALA B 101 8.15 -31.55 -26.71
N ASP B 102 9.24 -31.27 -27.40
CA ASP B 102 10.59 -31.42 -26.80
C ASP B 102 11.25 -30.06 -26.44
N LEU B 103 10.44 -29.05 -26.21
CA LEU B 103 10.94 -27.72 -25.91
C LEU B 103 10.06 -26.99 -24.87
N VAL B 104 10.74 -26.32 -23.94
CA VAL B 104 10.09 -25.48 -22.96
C VAL B 104 10.62 -24.06 -23.13
N GLY B 105 9.74 -23.09 -22.91
CA GLY B 105 10.06 -21.69 -23.02
C GLY B 105 9.99 -20.96 -21.69
N TRP B 106 10.66 -19.82 -21.63
CA TRP B 106 10.71 -19.02 -20.40
C TRP B 106 10.59 -17.53 -20.70
N LEU B 107 9.61 -16.91 -20.02
CA LEU B 107 9.33 -15.48 -20.16
C LEU B 107 10.12 -14.66 -19.15
N ASP B 108 10.93 -13.74 -19.67
CA ASP B 108 11.57 -12.71 -18.89
C ASP B 108 10.82 -11.42 -19.12
N GLY B 109 10.96 -10.49 -18.18
CA GLY B 109 10.59 -9.12 -18.40
C GLY B 109 11.76 -8.41 -19.02
N ARG B 110 11.96 -7.16 -18.63
CA ARG B 110 13.11 -6.37 -19.10
C ARG B 110 13.73 -5.55 -18.01
N SER B 111 15.06 -5.44 -18.03
CA SER B 111 15.80 -4.72 -16.99
C SER B 111 15.42 -3.26 -16.92
N SER B 112 15.10 -2.68 -18.08
CA SER B 112 14.64 -1.29 -18.17
C SER B 112 13.30 -1.06 -17.50
N LEU B 113 12.47 -2.12 -17.50
CA LEU B 113 11.15 -2.09 -16.91
C LEU B 113 11.22 -2.44 -15.45
N ALA B 114 12.12 -3.36 -15.11
CA ALA B 114 12.39 -3.74 -13.72
C ALA B 114 12.82 -2.54 -12.88
N ARG B 115 13.55 -1.62 -13.49
CA ARG B 115 14.12 -0.45 -12.81
C ARG B 115 13.08 0.64 -12.61
N LEU B 116 11.88 0.40 -13.13
CA LEU B 116 10.71 1.21 -12.85
C LEU B 116 9.62 0.43 -12.15
N GLY B 117 9.94 -0.79 -11.71
CA GLY B 117 9.03 -1.60 -10.94
C GLY B 117 8.01 -2.46 -11.68
N LEU B 118 8.07 -2.51 -12.99
CA LEU B 118 7.12 -3.31 -13.74
C LEU B 118 7.53 -4.79 -13.82
N VAL B 120 6.26 -8.44 -15.25
CA VAL B 120 5.50 -8.91 -16.38
C VAL B 120 4.93 -10.33 -16.14
N HIS B 121 5.26 -10.91 -14.99
CA HIS B 121 4.71 -12.21 -14.56
C HIS B 121 4.77 -12.21 -13.02
N VAL B 122 3.92 -13.04 -12.45
CA VAL B 122 3.74 -13.15 -11.02
C VAL B 122 4.07 -14.61 -10.67
N THR B 123 5.35 -14.87 -10.50
CA THR B 123 5.96 -16.21 -10.41
C THR B 123 5.27 -17.28 -11.22
N ALA B 124 5.06 -17.00 -12.50
CA ALA B 124 4.61 -18.02 -13.45
C ALA B 124 5.06 -17.58 -14.84
N HIS B 125 6.21 -18.09 -15.28
CA HIS B 125 6.86 -17.67 -16.53
C HIS B 125 7.26 -18.83 -17.49
N ARG B 126 6.67 -20.01 -17.25
CA ARG B 126 6.96 -21.19 -18.04
C ARG B 126 5.97 -21.30 -19.19
N ILE B 127 6.49 -21.49 -20.38
CA ILE B 127 5.68 -21.76 -21.55
C ILE B 127 5.88 -23.22 -21.91
N ASP B 128 4.85 -24.02 -21.76
CA ASP B 128 5.05 -25.48 -21.83
C ASP B 128 5.26 -26.06 -23.21
N PRO B 129 5.89 -27.23 -23.28
CA PRO B 129 5.96 -27.97 -24.53
C PRO B 129 4.57 -28.27 -25.05
N GLY B 130 4.31 -28.07 -26.32
CA GLY B 130 2.98 -28.21 -26.88
C GLY B 130 2.07 -27.00 -26.73
N TRP B 131 2.55 -25.98 -26.02
CA TRP B 131 1.82 -24.73 -25.89
C TRP B 131 1.56 -24.15 -27.29
N SER B 132 0.42 -23.53 -27.47
CA SER B 132 0.16 -22.79 -28.71
C SER B 132 -0.85 -21.68 -28.47
N GLY B 133 -0.38 -20.44 -28.59
CA GLY B 133 -1.22 -19.31 -28.27
C GLY B 133 -0.44 -18.07 -27.82
N CYS B 134 -1.19 -16.98 -27.75
CA CYS B 134 -0.70 -15.74 -27.16
C CYS B 134 -0.52 -15.95 -25.69
N ILE B 135 0.48 -15.29 -25.10
CA ILE B 135 0.84 -15.51 -23.72
C ILE B 135 0.15 -14.43 -22.92
N VAL B 136 -0.57 -14.83 -21.88
CA VAL B 136 -1.23 -13.88 -21.00
C VAL B 136 -0.25 -13.30 -19.99
N LEU B 137 -0.24 -11.97 -19.87
CA LEU B 137 0.67 -11.33 -18.94
C LEU B 137 -0.03 -10.90 -17.67
N ALA B 138 0.59 -11.15 -16.53
CA ALA B 138 0.09 -10.65 -15.28
C ALA B 138 1.07 -9.52 -14.86
N PHE B 139 0.63 -8.27 -15.05
CA PHE B 139 1.44 -7.08 -14.75
C PHE B 139 1.23 -6.56 -13.33
N TYR B 140 2.31 -6.18 -12.66
CA TYR B 140 2.19 -5.48 -11.39
C TYR B 140 3.22 -4.36 -11.35
N ASN B 141 2.77 -3.17 -10.98
CA ASN B 141 3.65 -2.04 -10.84
C ASN B 141 4.04 -1.97 -9.35
N SER B 142 5.29 -2.28 -9.07
CA SER B 142 5.84 -2.20 -7.70
C SER B 142 6.63 -0.92 -7.45
N GLY B 143 6.66 -0.03 -8.43
CA GLY B 143 7.41 1.21 -8.32
C GLY B 143 6.58 2.36 -7.79
N LYS B 144 7.10 3.55 -8.05
CA LYS B 144 6.62 4.80 -7.46
C LYS B 144 5.90 5.68 -8.49
N LEU B 145 5.97 5.34 -9.75
CA LEU B 145 5.24 6.09 -10.76
C LEU B 145 4.32 5.24 -11.59
N PRO B 146 3.15 5.79 -11.94
CA PRO B 146 2.30 5.17 -12.92
C PRO B 146 3.07 5.00 -14.22
N LEU B 147 2.72 3.96 -14.98
CA LEU B 147 3.42 3.69 -16.21
C LEU B 147 2.45 3.53 -17.35
N ALA B 148 2.62 4.33 -18.40
CA ALA B 148 1.74 4.18 -19.54
C ALA B 148 2.24 3.05 -20.39
N LEU B 149 1.36 2.08 -20.63
CA LEU B 149 1.63 0.94 -21.50
C LEU B 149 0.89 1.06 -22.84
N ARG B 150 1.62 0.95 -23.95
CA ARG B 150 1.04 1.07 -25.29
C ARG B 150 1.28 -0.13 -26.16
N PRO B 151 0.23 -0.61 -26.82
CA PRO B 151 0.35 -1.76 -27.71
C PRO B 151 1.50 -1.59 -28.64
N GLY B 152 2.27 -2.66 -28.82
CA GLY B 152 3.40 -2.68 -29.71
C GLY B 152 4.72 -2.50 -29.02
N LEU B 154 7.98 -3.07 -26.67
CA LEU B 154 8.75 -4.20 -26.19
C LEU B 154 8.46 -4.40 -24.72
N ILE B 155 8.00 -5.59 -24.35
CA ILE B 155 7.49 -5.86 -23.01
C ILE B 155 8.23 -7.00 -22.28
N GLY B 156 8.88 -7.89 -23.03
CA GLY B 156 9.63 -8.96 -22.42
C GLY B 156 10.49 -9.72 -23.42
N ALA B 157 10.93 -10.91 -23.00
CA ALA B 157 11.75 -11.77 -23.84
C ALA B 157 11.51 -13.23 -23.52
N LEU B 158 11.67 -14.07 -24.53
CA LEU B 158 11.57 -15.50 -24.40
C LEU B 158 12.91 -16.17 -24.68
N SER B 159 13.20 -17.17 -23.88
CA SER B 159 14.35 -18.06 -24.12
C SER B 159 13.81 -19.48 -24.18
N PHE B 160 14.57 -20.37 -24.82
CA PHE B 160 14.08 -21.70 -25.14
C PHE B 160 15.07 -22.79 -24.77
N GLU B 161 14.54 -23.87 -24.21
CA GLU B 161 15.35 -24.90 -23.61
C GLU B 161 14.90 -26.27 -24.11
N PRO B 162 15.73 -26.98 -24.88
CA PRO B 162 15.42 -28.36 -25.24
C PRO B 162 15.23 -29.21 -23.98
N LEU B 163 14.28 -30.14 -24.08
CA LEU B 163 14.01 -31.11 -23.04
C LEU B 163 14.87 -32.31 -23.30
N SER B 164 14.98 -33.16 -22.29
CA SER B 164 15.78 -34.39 -22.36
C SER B 164 15.22 -35.39 -23.36
N GLY B 165 13.91 -35.34 -23.59
CA GLY B 165 13.30 -36.01 -24.71
C GLY B 165 11.96 -35.35 -24.99
N PRO B 166 11.18 -35.90 -25.91
CA PRO B 166 9.87 -35.31 -26.18
C PRO B 166 8.93 -35.58 -25.04
N ALA B 167 8.17 -34.59 -24.59
CA ALA B 167 7.20 -34.85 -23.55
C ALA B 167 6.05 -35.81 -24.03
N VAL B 168 5.73 -36.81 -23.20
CA VAL B 168 4.64 -37.77 -23.48
C VAL B 168 3.24 -37.16 -23.28
N ARG B 169 3.15 -36.19 -22.38
CA ARG B 169 1.93 -35.41 -22.13
C ARG B 169 2.17 -33.88 -22.32
N PRO B 170 2.37 -33.45 -23.56
CA PRO B 170 2.57 -32.02 -23.82
C PRO B 170 1.26 -31.32 -23.62
N TYR B 171 1.28 -29.99 -23.63
CA TYR B 171 0.15 -29.20 -23.23
C TYR B 171 -1.05 -29.36 -24.16
N ASN B 172 -0.79 -29.48 -25.46
CA ASN B 172 -1.87 -29.57 -26.47
C ASN B 172 -2.69 -30.83 -26.38
N ARG B 173 -2.20 -31.84 -25.66
CA ARG B 173 -2.83 -33.17 -25.54
C ARG B 173 -3.33 -33.50 -24.10
N ARG B 174 -2.96 -32.70 -23.11
CA ARG B 174 -3.41 -32.94 -21.75
C ARG B 174 -4.89 -32.49 -21.53
N GLU B 175 -5.74 -33.42 -21.08
CA GLU B 175 -7.20 -33.23 -20.95
C GLU B 175 -7.64 -32.08 -20.01
N ASP B 176 -6.93 -31.91 -18.90
CA ASP B 176 -7.27 -30.91 -17.90
C ASP B 176 -6.40 -29.62 -17.97
N ALA B 177 -5.71 -29.42 -19.11
CA ALA B 177 -5.06 -28.13 -19.39
C ALA B 177 -6.10 -27.00 -19.58
N LYS B 178 -5.80 -25.85 -19.02
CA LYS B 178 -6.77 -24.78 -18.89
C LYS B 178 -6.73 -23.80 -20.05
N TYR B 179 -5.57 -23.59 -20.66
CA TYR B 179 -5.36 -22.38 -21.48
C TYR B 179 -4.97 -22.61 -22.95
N ARG B 180 -5.41 -23.72 -23.55
CA ARG B 180 -5.27 -23.92 -25.00
C ARG B 180 -6.23 -22.96 -25.71
N ASN B 181 -5.98 -22.54 -26.94
CA ASN B 181 -6.94 -21.65 -27.67
C ASN B 181 -6.99 -20.20 -27.14
N GLN B 182 -6.23 -19.89 -26.08
CA GLN B 182 -6.30 -18.59 -25.40
C GLN B 182 -5.81 -17.50 -26.37
N GLN B 183 -6.66 -16.52 -26.65
CA GLN B 183 -6.26 -15.46 -27.63
C GLN B 183 -6.26 -13.99 -27.12
N GLY B 184 -6.94 -13.73 -25.98
CA GLY B 184 -6.91 -12.41 -25.36
C GLY B 184 -6.39 -12.44 -23.94
N ALA B 185 -6.74 -11.40 -23.17
CA ALA B 185 -6.34 -11.32 -21.76
C ALA B 185 -7.27 -12.18 -20.89
N VAL B 186 -7.09 -13.49 -20.98
CA VAL B 186 -7.94 -14.46 -20.32
C VAL B 186 -7.70 -14.52 -18.81
N ALA B 187 -8.80 -14.53 -18.08
CA ALA B 187 -8.81 -14.47 -16.61
C ALA B 187 -8.43 -15.82 -16.03
N SER B 188 -8.14 -15.84 -14.74
CA SER B 188 -7.78 -17.10 -14.12
C SER B 188 -8.90 -18.11 -14.31
N ARG B 189 -8.53 -19.34 -14.62
CA ARG B 189 -9.46 -20.45 -14.64
C ARG B 189 -9.14 -21.42 -13.50
N ILE B 190 -8.71 -20.90 -12.34
CA ILE B 190 -8.44 -21.75 -11.15
C ILE B 190 -9.65 -22.61 -10.77
N ASP B 191 -10.85 -22.13 -11.12
CA ASP B 191 -12.10 -22.91 -10.92
C ASP B 191 -12.10 -24.30 -11.57
N LYS B 192 -11.23 -24.55 -12.54
CA LYS B 192 -11.21 -25.82 -13.28
C LYS B 192 -10.37 -26.95 -12.62
N ASP B 193 -9.58 -26.66 -11.58
CA ASP B 193 -8.98 -27.72 -10.75
C ASP B 193 -10.02 -28.71 -10.21
N ARG C 2 22.96 -26.66 -16.30
CA ARG C 2 23.72 -25.59 -15.61
C ARG C 2 25.06 -26.14 -15.20
N LEU C 3 26.08 -25.30 -15.14
CA LEU C 3 27.37 -25.69 -14.65
C LEU C 3 27.29 -25.99 -13.15
N CYS C 4 27.90 -27.12 -12.76
CA CYS C 4 28.07 -27.42 -11.36
C CYS C 4 29.24 -26.64 -10.83
N ASP C 5 29.42 -26.62 -9.52
CA ASP C 5 30.46 -25.83 -8.89
C ASP C 5 31.89 -26.06 -9.48
N ARG C 6 32.36 -27.32 -9.58
CA ARG C 6 33.68 -27.60 -10.11
C ARG C 6 33.79 -27.02 -11.54
N ASP C 7 32.77 -27.23 -12.37
CA ASP C 7 32.75 -26.67 -13.71
C ASP C 7 32.62 -25.13 -13.74
N ILE C 8 31.97 -24.53 -12.76
CA ILE C 8 31.99 -23.07 -12.71
C ILE C 8 33.46 -22.64 -12.58
N GLU C 9 34.18 -23.28 -11.64
CA GLU C 9 35.58 -22.92 -11.36
C GLU C 9 36.47 -23.16 -12.57
N ALA C 10 36.25 -24.30 -13.24
CA ALA C 10 37.04 -24.65 -14.36
C ALA C 10 36.96 -23.53 -15.40
N TRP C 11 35.75 -22.96 -15.55
CA TRP C 11 35.54 -21.90 -16.51
C TRP C 11 36.22 -20.64 -16.06
N LEU C 12 36.21 -20.37 -14.76
CA LEU C 12 36.90 -19.22 -14.18
C LEU C 12 38.41 -19.33 -14.36
N ASP C 13 38.92 -20.55 -14.23
CA ASP C 13 40.34 -20.84 -14.34
C ASP C 13 40.82 -20.69 -15.81
N GLU C 14 40.06 -21.22 -16.76
CA GLU C 14 40.28 -20.98 -18.22
C GLU C 14 40.12 -19.52 -18.66
N GLY C 15 39.33 -18.71 -17.95
CA GLY C 15 39.21 -17.29 -18.26
C GLY C 15 38.09 -16.88 -19.20
N ARG C 16 37.36 -17.85 -19.73
CA ARG C 16 36.14 -17.58 -20.54
C ARG C 16 35.18 -16.69 -19.72
N LEU C 17 34.63 -17.31 -18.69
CA LEU C 17 33.92 -16.62 -17.65
C LEU C 17 34.88 -15.86 -16.74
N SER C 18 34.39 -14.77 -16.19
CA SER C 18 35.18 -13.94 -15.32
C SER C 18 34.27 -13.32 -14.28
N ILE C 19 34.70 -13.34 -13.03
CA ILE C 19 34.04 -12.62 -11.95
C ILE C 19 35.10 -11.91 -11.11
N ASN C 20 34.87 -10.63 -10.83
CA ASN C 20 35.86 -9.76 -10.25
C ASN C 20 35.26 -8.90 -9.12
N PRO C 21 35.72 -9.05 -7.91
CA PRO C 21 36.72 -10.03 -7.46
C PRO C 21 36.17 -11.43 -7.40
N ARG C 22 37.03 -12.42 -7.65
CA ARG C 22 36.58 -13.78 -7.71
C ARG C 22 36.21 -14.30 -6.31
N PRO C 23 34.99 -14.77 -6.08
CA PRO C 23 34.63 -15.25 -4.73
C PRO C 23 35.41 -16.50 -4.36
N PRO C 24 35.67 -16.69 -3.09
CA PRO C 24 36.44 -17.86 -2.67
C PRO C 24 35.65 -19.16 -2.95
N VAL C 25 36.28 -20.28 -2.66
CA VAL C 25 35.67 -21.59 -2.81
C VAL C 25 34.46 -21.79 -1.92
N GLU C 26 34.44 -21.10 -0.78
CA GLU C 26 33.34 -21.21 0.19
C GLU C 26 32.00 -20.61 -0.36
N ARG C 27 32.10 -19.77 -1.40
CA ARG C 27 30.94 -19.11 -2.02
C ARG C 27 30.61 -19.65 -3.43
N ILE C 28 31.20 -20.78 -3.83
CA ILE C 28 30.88 -21.45 -5.07
C ILE C 28 30.51 -22.87 -4.79
N ASN C 29 29.24 -23.21 -4.93
CA ASN C 29 28.77 -24.53 -4.51
C ASN C 29 27.51 -24.90 -5.24
N GLY C 30 27.29 -26.20 -5.37
CA GLY C 30 26.13 -26.73 -6.05
C GLY C 30 26.15 -26.38 -7.53
N ALA C 31 25.41 -25.36 -7.89
CA ALA C 31 25.38 -24.86 -9.25
C ALA C 31 25.37 -23.35 -9.29
N THR C 32 25.88 -22.71 -8.25
CA THR C 32 25.86 -21.26 -8.14
C THR C 32 27.07 -20.64 -7.51
N VAL C 33 27.20 -19.36 -7.80
CA VAL C 33 28.14 -18.48 -7.16
C VAL C 33 27.37 -17.41 -6.44
N ASP C 34 27.66 -17.22 -5.16
CA ASP C 34 27.05 -16.16 -4.39
C ASP C 34 27.62 -14.82 -4.83
N VAL C 35 26.77 -13.82 -4.84
CA VAL C 35 27.21 -12.46 -5.11
C VAL C 35 26.85 -11.57 -3.94
N ARG C 36 27.57 -10.45 -3.84
CA ARG C 36 27.50 -9.56 -2.71
C ARG C 36 26.94 -8.18 -3.07
N LEU C 37 26.51 -7.43 -2.05
CA LEU C 37 25.93 -6.09 -2.24
C LEU C 37 27.02 -4.99 -2.36
N GLY C 38 26.89 -4.14 -3.39
CA GLY C 38 27.78 -2.99 -3.59
C GLY C 38 27.39 -1.88 -2.63
N ASN C 39 27.81 -0.67 -2.95
CA ASN C 39 27.71 0.46 -2.05
C ASN C 39 27.04 1.67 -2.69
N LYS C 40 26.46 1.44 -3.87
CA LYS C 40 25.79 2.51 -4.61
C LYS C 40 24.29 2.22 -4.71
N PHE C 41 23.49 3.28 -4.60
CA PHE C 41 22.05 3.16 -4.58
C PHE C 41 21.33 4.33 -5.26
N ARG C 42 20.08 4.09 -5.63
CA ARG C 42 19.25 5.13 -6.19
C ARG C 42 17.81 4.98 -5.75
N THR C 43 17.18 6.09 -5.38
CA THR C 43 15.76 6.14 -5.03
C THR C 43 15.01 7.01 -6.01
N PHE C 44 13.70 7.09 -5.80
CA PHE C 44 12.77 7.79 -6.69
C PHE C 44 12.16 9.02 -6.05
N ARG C 45 11.94 10.05 -6.85
CA ARG C 45 11.43 11.31 -6.37
C ARG C 45 10.16 11.46 -7.20
N GLY C 46 9.08 10.83 -6.73
CA GLY C 46 7.85 10.77 -7.48
C GLY C 46 7.16 12.11 -7.61
N HIS C 47 7.44 13.00 -6.68
CA HIS C 47 6.75 14.27 -6.68
C HIS C 47 7.05 15.14 -7.93
N THR C 48 8.09 14.84 -8.66
CA THR C 48 8.46 15.75 -9.79
C THR C 48 7.86 15.36 -11.11
N ALA C 49 7.08 14.27 -11.16
CA ALA C 49 6.34 13.87 -12.36
C ALA C 49 5.07 13.10 -12.06
N ALA C 50 4.16 13.11 -13.03
CA ALA C 50 2.89 12.42 -12.91
C ALA C 50 2.99 10.94 -13.30
N PHE C 51 3.80 10.66 -14.30
CA PHE C 51 3.96 9.28 -14.79
C PHE C 51 5.10 9.21 -15.74
N ILE C 52 5.44 8.01 -16.15
CA ILE C 52 6.44 7.78 -17.16
C ILE C 52 5.78 7.08 -18.32
N ASP C 53 5.85 7.71 -19.48
CA ASP C 53 5.33 7.18 -20.72
C ASP C 53 6.37 6.24 -21.36
N LEU C 54 6.21 4.96 -21.10
CA LEU C 54 7.27 4.00 -21.46
C LEU C 54 7.64 4.00 -22.96
N SER C 55 6.63 4.25 -23.80
CA SER C 55 6.74 4.17 -25.23
C SER C 55 6.57 5.56 -25.87
N GLY C 56 6.79 6.67 -25.14
CA GLY C 56 6.42 8.04 -25.59
C GLY C 56 7.63 8.79 -26.12
N PRO C 57 7.45 10.04 -26.54
CA PRO C 57 8.55 10.77 -27.23
C PRO C 57 9.84 10.74 -26.44
N LYS C 58 10.97 10.51 -27.10
CA LYS C 58 12.25 10.29 -26.43
C LYS C 58 12.63 11.43 -25.48
N ASP C 59 12.35 12.66 -25.89
CA ASP C 59 12.65 13.89 -25.12
C ASP C 59 11.86 13.95 -23.80
N GLU C 60 10.55 13.71 -23.87
CA GLU C 60 9.69 13.62 -22.68
C GLU C 60 10.17 12.60 -21.65
N VAL C 61 10.32 11.36 -22.11
CA VAL C 61 10.82 10.26 -21.31
C VAL C 61 12.16 10.52 -20.58
N SER C 62 13.20 11.01 -21.27
CA SER C 62 14.49 11.25 -20.58
C SER C 62 14.34 12.36 -19.55
N ALA C 63 13.66 13.45 -19.92
CA ALA C 63 13.52 14.59 -19.03
C ALA C 63 12.84 14.13 -17.72
N ALA C 64 11.77 13.36 -17.87
CA ALA C 64 11.08 12.77 -16.73
C ALA C 64 11.95 11.79 -15.89
N LEU C 65 12.71 10.90 -16.52
CA LEU C 65 13.60 10.01 -15.80
C LEU C 65 14.61 10.77 -15.02
N ASP C 66 15.19 11.82 -15.59
CA ASP C 66 16.21 12.61 -14.90
C ASP C 66 15.66 13.33 -13.66
N ARG C 67 14.39 13.71 -13.69
CA ARG C 67 13.78 14.39 -12.56
C ARG C 67 13.41 13.39 -11.45
N VAL C 68 12.91 12.20 -11.82
CA VAL C 68 12.49 11.25 -10.78
C VAL C 68 13.67 10.49 -10.13
N SER C 70 16.96 10.01 -8.12
CA SER C 70 17.86 10.66 -7.18
C SER C 70 19.32 10.64 -7.65
N ASP C 71 20.13 11.48 -7.01
CA ASP C 71 21.60 11.42 -6.99
C ASP C 71 22.07 10.06 -6.48
N GLU C 72 23.11 9.51 -7.09
CA GLU C 72 23.62 8.24 -6.61
C GLU C 72 23.91 8.45 -5.11
N ILE C 73 23.55 7.45 -4.33
CA ILE C 73 23.84 7.42 -2.92
C ILE C 73 25.00 6.45 -2.69
N VAL C 74 26.07 6.96 -2.09
CA VAL C 74 27.26 6.20 -1.83
C VAL C 74 27.42 6.08 -0.34
N LEU C 75 27.37 4.83 0.11
CA LEU C 75 27.54 4.48 1.49
C LEU C 75 29.01 4.22 1.84
N ASP C 76 29.54 4.98 2.82
CA ASP C 76 30.91 4.77 3.36
C ASP C 76 30.97 3.52 4.23
N GLU C 77 31.73 3.56 5.32
CA GLU C 77 32.08 2.36 6.13
C GLU C 77 30.94 1.95 7.07
N GLY C 78 30.48 0.71 6.95
CA GLY C 78 29.27 0.25 7.64
C GLY C 78 28.17 1.31 7.85
N GLU C 79 27.76 1.96 6.76
CA GLU C 79 26.52 2.75 6.74
C GLU C 79 25.45 1.84 6.13
N ALA C 80 24.18 1.98 6.52
CA ALA C 80 23.14 1.12 5.99
C ALA C 80 22.21 1.91 5.08
N PHE C 81 21.61 1.18 4.14
CA PHE C 81 20.48 1.67 3.34
C PHE C 81 19.25 0.98 3.89
N TYR C 82 18.26 1.77 4.30
CA TYR C 82 17.05 1.22 4.88
C TYR C 82 15.98 1.08 3.82
N LEU C 83 15.72 -0.18 3.41
CA LEU C 83 14.66 -0.51 2.47
C LEU C 83 13.34 -0.73 3.22
N HIS C 84 12.42 0.21 3.11
CA HIS C 84 11.13 0.14 3.82
C HIS C 84 10.09 -0.63 2.96
N PRO C 85 9.16 -1.35 3.56
CA PRO C 85 8.06 -1.96 2.80
C PRO C 85 7.41 -1.03 1.75
N GLY C 86 7.20 -1.58 0.57
CA GLY C 86 6.58 -0.88 -0.53
C GLY C 86 7.49 0.11 -1.25
N GLU C 87 8.78 0.07 -1.00
CA GLU C 87 9.69 1.07 -1.61
C GLU C 87 10.61 0.34 -2.56
N LEU C 88 10.63 0.77 -3.81
CA LEU C 88 11.51 0.24 -4.83
C LEU C 88 12.79 1.06 -4.82
N ALA C 89 13.91 0.37 -4.90
CA ALA C 89 15.19 1.05 -4.97
C ALA C 89 16.16 0.35 -5.92
N LEU C 90 17.14 1.09 -6.40
CA LEU C 90 18.20 0.47 -7.25
C LEU C 90 19.47 0.28 -6.49
N ALA C 91 20.17 -0.79 -6.76
CA ALA C 91 21.43 -1.03 -6.12
C ALA C 91 22.31 -1.70 -7.16
N VAL C 92 23.43 -2.25 -6.73
CA VAL C 92 24.36 -2.90 -7.63
C VAL C 92 25.04 -4.08 -6.91
N THR C 93 25.55 -5.04 -7.68
CA THR C 93 26.45 -6.04 -7.08
C THR C 93 27.83 -5.42 -6.90
N LEU C 94 28.56 -5.96 -5.92
CA LEU C 94 29.98 -5.65 -5.71
C LEU C 94 30.77 -6.23 -6.86
N GLU C 95 30.44 -7.47 -7.26
CA GLU C 95 31.18 -8.18 -8.32
C GLU C 95 30.82 -7.69 -9.71
N SER C 96 31.84 -7.45 -10.55
CA SER C 96 31.71 -7.38 -12.01
C SER C 96 31.71 -8.82 -12.52
N VAL C 97 30.84 -9.09 -13.47
CA VAL C 97 30.78 -10.38 -14.17
C VAL C 97 30.99 -10.12 -15.64
N THR C 98 31.73 -11.00 -16.30
CA THR C 98 31.91 -10.97 -17.76
C THR C 98 31.64 -12.34 -18.33
N LEU C 99 30.66 -12.45 -19.22
CA LEU C 99 30.31 -13.72 -19.87
C LEU C 99 30.78 -13.76 -21.31
N PRO C 100 31.17 -14.95 -21.79
CA PRO C 100 31.47 -15.12 -23.22
C PRO C 100 30.19 -15.26 -24.03
N ALA C 101 30.33 -15.42 -25.34
CA ALA C 101 29.21 -15.47 -26.27
C ALA C 101 28.43 -16.78 -26.17
N ASP C 102 29.01 -17.81 -25.58
CA ASP C 102 28.32 -19.13 -25.55
C ASP C 102 27.77 -19.49 -24.17
N LEU C 103 27.48 -18.45 -23.37
CA LEU C 103 27.02 -18.64 -22.00
C LEU C 103 26.03 -17.58 -21.58
N VAL C 104 24.96 -18.00 -20.90
CA VAL C 104 23.96 -17.10 -20.31
C VAL C 104 23.93 -17.34 -18.80
N GLY C 105 23.70 -16.25 -18.07
CA GLY C 105 23.69 -16.29 -16.62
C GLY C 105 22.32 -15.94 -16.03
N TRP C 106 22.09 -16.39 -14.80
CA TRP C 106 20.81 -16.15 -14.16
C TRP C 106 20.98 -15.75 -12.73
N LEU C 107 20.33 -14.66 -12.38
CA LEU C 107 20.39 -14.11 -11.03
C LEU C 107 19.21 -14.64 -10.17
N ASP C 108 19.57 -15.24 -9.05
CA ASP C 108 18.64 -15.58 -7.99
C ASP C 108 18.83 -14.59 -6.87
N GLY C 109 17.80 -14.47 -6.03
CA GLY C 109 17.96 -13.87 -4.74
C GLY C 109 18.40 -14.93 -3.75
N ARG C 110 17.87 -14.86 -2.54
CA ARG C 110 18.20 -15.89 -1.51
C ARG C 110 16.98 -16.25 -0.72
N SER C 111 16.85 -17.50 -0.35
CA SER C 111 15.67 -17.95 0.41
C SER C 111 15.49 -17.22 1.74
N SER C 112 16.62 -16.92 2.39
CA SER C 112 16.67 -16.21 3.65
C SER C 112 16.15 -14.79 3.55
N LEU C 113 16.31 -14.21 2.37
CA LEU C 113 15.86 -12.87 2.08
C LEU C 113 14.41 -12.90 1.63
N ALA C 114 14.06 -13.90 0.82
CA ALA C 114 12.69 -14.12 0.39
C ALA C 114 11.74 -14.23 1.58
N ARG C 115 12.19 -14.86 2.65
CA ARG C 115 11.36 -15.10 3.83
C ARG C 115 11.14 -13.83 4.65
N LEU C 116 11.84 -12.77 4.26
CA LEU C 116 11.60 -11.44 4.78
C LEU C 116 11.10 -10.48 3.70
N GLY C 117 10.72 -11.01 2.55
CA GLY C 117 10.09 -10.23 1.51
C GLY C 117 11.02 -9.43 0.60
N LEU C 118 12.32 -9.63 0.71
CA LEU C 118 13.23 -8.94 -0.20
C LEU C 118 13.39 -9.63 -1.59
N VAL C 120 15.23 -9.29 -5.24
CA VAL C 120 16.48 -8.73 -5.74
C VAL C 120 16.42 -8.40 -7.22
N HIS C 121 15.31 -8.78 -7.86
CA HIS C 121 15.00 -8.35 -9.23
C HIS C 121 13.50 -8.29 -9.40
N VAL C 122 13.11 -7.69 -10.51
CA VAL C 122 11.71 -7.41 -10.78
C VAL C 122 11.45 -7.98 -12.18
N THR C 123 11.18 -9.29 -12.20
CA THR C 123 11.13 -10.15 -13.36
C THR C 123 12.08 -9.76 -14.49
N ALA C 124 13.36 -9.57 -14.15
CA ALA C 124 14.45 -9.42 -15.12
C ALA C 124 15.74 -9.86 -14.41
N HIS C 125 16.19 -11.08 -14.76
CA HIS C 125 17.31 -11.75 -14.05
C HIS C 125 18.26 -12.49 -14.98
N ARG C 126 18.18 -12.18 -16.27
CA ARG C 126 19.05 -12.76 -17.26
C ARG C 126 20.26 -11.86 -17.43
N ILE C 127 21.43 -12.48 -17.35
CA ILE C 127 22.71 -11.89 -17.66
C ILE C 127 23.17 -12.44 -19.01
N ASP C 128 23.24 -11.59 -20.03
CA ASP C 128 23.39 -12.06 -21.38
C ASP C 128 24.80 -12.54 -21.75
N PRO C 129 24.87 -13.40 -22.77
CA PRO C 129 26.18 -13.72 -23.36
C PRO C 129 26.82 -12.44 -23.87
N GLY C 130 28.10 -12.22 -23.55
CA GLY C 130 28.82 -11.00 -23.92
C GLY C 130 28.69 -9.88 -22.92
N TRP C 131 27.85 -10.07 -21.93
CA TRP C 131 27.68 -9.10 -20.86
C TRP C 131 29.01 -8.89 -20.17
N SER C 132 29.28 -7.65 -19.77
CA SER C 132 30.46 -7.35 -18.99
C SER C 132 30.21 -6.15 -18.12
N GLY C 133 30.16 -6.34 -16.82
CA GLY C 133 29.88 -5.25 -15.90
C GLY C 133 29.27 -5.72 -14.59
N CYS C 134 29.14 -4.78 -13.67
CA CYS C 134 28.43 -5.00 -12.44
C CYS C 134 26.96 -5.12 -12.80
N ILE C 135 26.23 -5.85 -11.98
CA ILE C 135 24.81 -6.11 -12.19
C ILE C 135 23.96 -5.19 -11.35
N VAL C 136 23.06 -4.47 -12.02
CA VAL C 136 22.15 -3.55 -11.33
C VAL C 136 21.00 -4.32 -10.71
N LEU C 137 20.78 -4.09 -9.43
CA LEU C 137 19.70 -4.78 -8.71
C LEU C 137 18.47 -3.87 -8.53
N ALA C 138 17.32 -4.42 -8.83
CA ALA C 138 16.09 -3.72 -8.56
C ALA C 138 15.43 -4.36 -7.30
N PHE C 139 15.56 -3.69 -6.17
CA PHE C 139 15.11 -4.22 -4.88
C PHE C 139 13.66 -3.84 -4.60
N TYR C 140 12.88 -4.76 -4.05
CA TYR C 140 11.57 -4.34 -3.53
C TYR C 140 11.29 -5.10 -2.26
N ASN C 141 10.93 -4.38 -1.21
CA ASN C 141 10.58 -4.99 0.09
C ASN C 141 9.08 -5.21 0.11
N SER C 142 8.66 -6.49 -0.03
CA SER C 142 7.27 -6.91 -0.02
C SER C 142 6.80 -7.35 1.37
N GLY C 143 7.73 -7.35 2.34
CA GLY C 143 7.46 -7.82 3.69
C GLY C 143 6.89 -6.73 4.56
N LYS C 144 6.94 -6.99 5.85
CA LYS C 144 6.34 -6.13 6.85
C LYS C 144 7.35 -5.32 7.62
N LEU C 145 8.62 -5.70 7.54
CA LEU C 145 9.65 -4.93 8.23
C LEU C 145 10.65 -4.23 7.30
N PRO C 146 11.07 -3.02 7.67
CA PRO C 146 12.18 -2.39 7.01
C PRO C 146 13.42 -3.24 7.16
N LEU C 147 14.29 -3.28 6.16
CA LEU C 147 15.45 -4.12 6.20
C LEU C 147 16.67 -3.25 6.01
N ALA C 148 17.64 -3.36 6.90
CA ALA C 148 18.90 -2.61 6.72
C ALA C 148 19.84 -3.40 5.87
N LEU C 149 20.23 -2.81 4.74
CA LEU C 149 21.13 -3.41 3.76
C LEU C 149 22.49 -2.72 3.91
N ARG C 150 23.51 -3.53 4.10
CA ARG C 150 24.89 -3.07 4.19
C ARG C 150 25.76 -3.61 3.06
N PRO C 151 26.63 -2.78 2.50
CA PRO C 151 27.62 -3.25 1.52
C PRO C 151 28.40 -4.48 1.98
N GLY C 152 28.58 -5.43 1.09
CA GLY C 152 29.38 -6.59 1.39
C GLY C 152 28.52 -7.76 1.76
N LEU C 154 25.91 -10.85 1.54
CA LEU C 154 25.47 -11.78 0.51
C LEU C 154 24.05 -11.44 0.10
N ILE C 155 23.85 -11.14 -1.17
CA ILE C 155 22.59 -10.60 -1.67
C ILE C 155 21.89 -11.51 -2.70
N GLY C 156 22.65 -12.39 -3.36
CA GLY C 156 22.07 -13.27 -4.35
C GLY C 156 23.04 -14.33 -4.86
N ALA C 157 22.68 -14.97 -5.95
CA ALA C 157 23.49 -16.02 -6.51
C ALA C 157 23.35 -16.04 -8.02
N LEU C 158 24.40 -16.49 -8.71
CA LEU C 158 24.39 -16.64 -10.15
C LEU C 158 24.54 -18.10 -10.53
N SER C 159 23.79 -18.55 -11.52
CA SER C 159 24.03 -19.84 -12.15
C SER C 159 24.30 -19.58 -13.61
N PHE C 160 24.89 -20.56 -14.28
CA PHE C 160 25.37 -20.35 -15.63
C PHE C 160 25.03 -21.50 -16.56
N GLU C 161 24.64 -21.20 -17.78
CA GLU C 161 24.03 -22.16 -18.69
C GLU C 161 24.67 -22.04 -20.06
N PRO C 162 25.40 -23.07 -20.51
CA PRO C 162 25.93 -23.06 -21.88
C PRO C 162 24.83 -22.89 -22.88
N LEU C 163 25.12 -22.17 -23.95
CA LEU C 163 24.18 -22.03 -25.04
C LEU C 163 24.44 -23.12 -26.07
N SER C 164 23.48 -23.32 -26.99
CA SER C 164 23.55 -24.37 -28.01
C SER C 164 24.76 -24.14 -28.95
N GLY C 165 25.12 -22.88 -29.12
CA GLY C 165 26.36 -22.49 -29.76
C GLY C 165 26.66 -21.03 -29.37
N PRO C 166 27.74 -20.47 -29.91
CA PRO C 166 28.10 -19.08 -29.58
C PRO C 166 27.16 -18.10 -30.22
N ALA C 167 26.67 -17.11 -29.46
CA ALA C 167 25.72 -16.13 -29.99
C ALA C 167 26.38 -15.25 -31.07
N VAL C 168 25.68 -15.05 -32.16
CA VAL C 168 26.15 -14.24 -33.27
C VAL C 168 26.06 -12.76 -32.91
N ARG C 169 25.05 -12.42 -32.10
CA ARG C 169 24.85 -11.07 -31.61
C ARG C 169 24.90 -10.97 -30.10
N PRO C 170 26.05 -11.19 -29.51
CA PRO C 170 26.15 -11.11 -28.05
C PRO C 170 26.07 -9.65 -27.62
N TYR C 171 25.95 -9.43 -26.32
CA TYR C 171 25.65 -8.12 -25.79
C TYR C 171 26.72 -7.03 -26.01
N ASN C 172 27.99 -7.43 -25.99
CA ASN C 172 29.10 -6.52 -26.21
C ASN C 172 29.23 -5.97 -27.65
N ARG C 173 28.68 -6.69 -28.64
CA ARG C 173 28.71 -6.30 -30.06
C ARG C 173 27.37 -5.65 -30.55
N ARG C 174 26.27 -5.88 -29.85
CA ARG C 174 24.98 -5.33 -30.26
C ARG C 174 24.91 -3.81 -30.04
N GLU C 175 24.50 -3.09 -31.08
CA GLU C 175 24.58 -1.60 -31.18
C GLU C 175 23.52 -0.85 -30.36
N ASP C 176 22.32 -1.42 -30.22
CA ASP C 176 21.26 -0.76 -29.43
C ASP C 176 21.14 -1.28 -27.97
N ALA C 177 22.14 -2.03 -27.54
CA ALA C 177 22.26 -2.49 -26.15
C ALA C 177 22.53 -1.33 -25.17
N LYS C 178 21.81 -1.33 -24.07
CA LYS C 178 21.64 -0.13 -23.27
C LYS C 178 22.66 -0.01 -22.14
N TYR C 179 23.17 -1.15 -21.67
CA TYR C 179 23.85 -1.22 -20.38
C TYR C 179 25.27 -1.82 -20.37
N ARG C 180 26.01 -1.63 -21.47
CA ARG C 180 27.45 -1.92 -21.48
C ARG C 180 28.17 -0.94 -20.56
N ASN C 181 29.21 -1.40 -19.90
CA ASN C 181 30.05 -0.57 -19.04
C ASN C 181 29.25 -0.08 -17.83
N GLN C 182 28.55 -0.98 -17.16
CA GLN C 182 27.70 -0.62 -16.04
C GLN C 182 28.51 -0.81 -14.78
N GLN C 183 28.75 0.28 -14.08
CA GLN C 183 29.61 0.32 -12.91
C GLN C 183 28.92 0.95 -11.67
N GLY C 184 27.71 1.44 -11.77
CA GLY C 184 26.98 1.74 -10.55
C GLY C 184 25.52 1.40 -10.58
N ALA C 185 24.74 2.08 -9.74
CA ALA C 185 23.29 1.90 -9.76
C ALA C 185 22.69 2.76 -10.90
N VAL C 186 22.79 2.22 -12.13
CA VAL C 186 22.32 2.89 -13.32
C VAL C 186 20.79 2.78 -13.42
N ALA C 187 20.17 3.89 -13.74
CA ALA C 187 18.73 4.02 -13.83
C ALA C 187 18.23 3.42 -15.11
N SER C 188 16.91 3.31 -15.25
CA SER C 188 16.32 2.79 -16.45
C SER C 188 16.68 3.67 -17.63
N ARG C 189 16.95 3.00 -18.75
CA ARG C 189 17.21 3.64 -20.03
C ARG C 189 16.16 3.23 -21.07
N ILE C 190 14.94 2.94 -20.64
CA ILE C 190 13.81 2.72 -21.55
C ILE C 190 13.62 3.85 -22.62
N ASP C 191 14.09 5.07 -22.34
CA ASP C 191 14.10 6.16 -23.36
C ASP C 191 14.85 5.88 -24.67
N LYS C 192 15.81 4.97 -24.64
CA LYS C 192 16.67 4.70 -25.81
C LYS C 192 16.08 3.61 -26.71
N ASP C 193 14.85 3.19 -26.45
CA ASP C 193 14.11 2.26 -27.30
C ASP C 193 13.72 2.84 -28.66
N ARG D 2 -23.12 23.25 20.56
CA ARG D 2 -23.89 22.32 19.75
C ARG D 2 -25.28 22.12 20.33
N LEU D 3 -26.24 21.86 19.48
CA LEU D 3 -27.56 21.51 19.96
C LEU D 3 -27.53 20.17 20.64
N CYS D 4 -28.13 20.12 21.83
CA CYS D 4 -28.38 18.84 22.50
C CYS D 4 -29.55 18.15 21.84
N ASP D 5 -29.76 16.88 22.19
CA ASP D 5 -30.79 16.06 21.55
C ASP D 5 -32.20 16.67 21.60
N ARG D 6 -32.61 17.14 22.77
CA ARG D 6 -33.94 17.73 23.00
C ARG D 6 -34.18 18.90 22.06
N ASP D 7 -33.15 19.71 21.93
CA ASP D 7 -33.18 20.87 21.02
C ASP D 7 -33.19 20.48 19.53
N ILE D 8 -32.41 19.46 19.15
CA ILE D 8 -32.49 18.89 17.79
C ILE D 8 -33.93 18.46 17.40
N GLU D 9 -34.63 17.81 18.31
CA GLU D 9 -36.04 17.44 18.08
C GLU D 9 -36.86 18.76 17.98
N ALA D 10 -36.54 19.78 18.80
CA ALA D 10 -37.26 21.04 18.77
C ALA D 10 -37.07 21.71 17.42
N TRP D 11 -35.83 21.77 16.93
CA TRP D 11 -35.59 22.43 15.65
C TRP D 11 -36.26 21.64 14.52
N LEU D 12 -36.28 20.30 14.65
CA LEU D 12 -36.94 19.45 13.66
C LEU D 12 -38.46 19.63 13.65
N ASP D 13 -39.02 19.79 14.84
CA ASP D 13 -40.47 19.96 15.02
C ASP D 13 -40.94 21.29 14.48
N GLU D 14 -40.14 22.30 14.67
CA GLU D 14 -40.52 23.63 14.30
C GLU D 14 -40.13 23.90 12.85
N GLY D 15 -39.63 22.88 12.17
CA GLY D 15 -39.07 23.02 10.85
C GLY D 15 -37.85 23.93 10.69
N ARG D 16 -37.05 24.13 11.71
CA ARG D 16 -35.88 25.02 11.59
C ARG D 16 -34.76 24.39 10.77
N LEU D 17 -34.65 23.07 10.94
CA LEU D 17 -33.87 22.22 10.10
C LEU D 17 -34.73 21.03 9.76
N SER D 18 -34.18 20.17 8.90
CA SER D 18 -34.95 19.12 8.29
C SER D 18 -34.06 17.91 8.05
N ILE D 19 -34.55 16.72 8.42
CA ILE D 19 -33.92 15.45 8.05
C ILE D 19 -34.99 14.48 7.54
N ASN D 20 -34.93 14.14 6.24
CA ASN D 20 -35.89 13.20 5.62
C ASN D 20 -35.20 11.96 5.03
N PRO D 21 -35.64 10.76 5.46
CA PRO D 21 -36.65 10.60 6.52
C PRO D 21 -36.11 10.92 7.91
N ARG D 22 -36.99 11.32 8.81
CA ARG D 22 -36.59 11.71 10.14
C ARG D 22 -36.26 10.46 10.98
N PRO D 23 -35.05 10.36 11.50
CA PRO D 23 -34.72 9.21 12.35
C PRO D 23 -35.49 9.22 13.65
N PRO D 24 -35.76 8.05 14.22
CA PRO D 24 -36.60 7.97 15.42
C PRO D 24 -35.85 8.42 16.63
N VAL D 25 -36.51 8.42 17.76
CA VAL D 25 -35.94 8.94 18.99
C VAL D 25 -34.71 8.10 19.42
N GLU D 26 -34.65 6.80 19.07
CA GLU D 26 -33.48 5.96 19.45
C GLU D 26 -32.16 6.43 18.80
N ARG D 27 -32.28 7.17 17.70
CA ARG D 27 -31.15 7.61 16.90
C ARG D 27 -30.78 9.09 17.09
N ILE D 28 -31.46 9.80 18.02
CA ILE D 28 -31.13 11.17 18.35
C ILE D 28 -30.80 11.15 19.83
N ASN D 29 -29.54 11.44 20.18
CA ASN D 29 -29.12 11.42 21.54
C ASN D 29 -27.84 12.21 21.75
N GLY D 30 -27.66 12.67 22.99
CA GLY D 30 -26.50 13.47 23.33
C GLY D 30 -26.52 14.77 22.57
N ALA D 31 -25.70 14.84 21.52
CA ALA D 31 -25.62 16.05 20.68
C ALA D 31 -25.56 15.69 19.21
N THR D 32 -26.09 14.52 18.87
CA THR D 32 -26.04 14.02 17.49
C THR D 32 -27.25 13.25 17.05
N VAL D 33 -27.37 13.21 15.73
CA VAL D 33 -28.30 12.37 15.02
C VAL D 33 -27.49 11.37 14.20
N ASP D 34 -27.79 10.10 14.38
CA ASP D 34 -27.18 9.03 13.58
C ASP D 34 -27.75 9.07 12.18
N VAL D 35 -26.88 8.90 11.19
CA VAL D 35 -27.31 8.81 9.79
C VAL D 35 -26.95 7.42 9.25
N ARG D 36 -27.65 7.00 8.19
CA ARG D 36 -27.52 5.70 7.60
C ARG D 36 -26.86 5.78 6.22
N LEU D 37 -26.32 4.63 5.79
CA LEU D 37 -25.84 4.41 4.43
C LEU D 37 -26.96 4.33 3.38
N GLY D 38 -26.79 5.01 2.26
CA GLY D 38 -27.74 4.99 1.16
C GLY D 38 -27.45 3.83 0.23
N ASN D 39 -28.06 3.81 -0.96
CA ASN D 39 -27.91 2.64 -1.86
C ASN D 39 -27.07 2.82 -3.14
N LYS D 40 -26.31 3.91 -3.23
CA LYS D 40 -25.58 4.31 -4.43
C LYS D 40 -24.07 4.50 -4.20
N PHE D 41 -23.26 4.02 -5.14
CA PHE D 41 -21.81 3.98 -4.95
C PHE D 41 -21.05 4.29 -6.23
N ARG D 42 -19.80 4.72 -6.07
CA ARG D 42 -18.92 4.97 -7.19
C ARG D 42 -17.50 4.56 -6.88
N THR D 43 -16.86 3.93 -7.87
CA THR D 43 -15.47 3.52 -7.79
C THR D 43 -14.62 4.22 -8.86
N PHE D 44 -13.33 3.93 -8.83
CA PHE D 44 -12.37 4.57 -9.71
C PHE D 44 -11.76 3.58 -10.69
N ARG D 45 -11.57 4.06 -11.91
CA ARG D 45 -10.97 3.30 -13.00
C ARG D 45 -9.69 4.03 -13.32
N GLY D 46 -8.64 3.74 -12.58
CA GLY D 46 -7.39 4.45 -12.70
C GLY D 46 -6.67 4.13 -13.96
N HIS D 47 -7.05 3.00 -14.56
CA HIS D 47 -6.35 2.54 -15.76
C HIS D 47 -6.53 3.43 -16.99
N THR D 48 -7.48 4.39 -16.97
CA THR D 48 -7.79 5.31 -18.10
C THR D 48 -7.14 6.68 -18.02
N ALA D 49 -6.42 6.98 -16.97
CA ALA D 49 -5.69 8.26 -16.90
C ALA D 49 -4.43 8.16 -16.06
N ALA D 50 -3.49 9.08 -16.31
CA ALA D 50 -2.23 9.16 -15.60
C ALA D 50 -2.40 9.92 -14.29
N PHE D 51 -3.15 11.00 -14.34
CA PHE D 51 -3.34 11.85 -13.17
C PHE D 51 -4.56 12.79 -13.31
N ILE D 52 -4.85 13.53 -12.27
CA ILE D 52 -5.84 14.58 -12.38
C ILE D 52 -5.16 15.88 -12.00
N ASP D 53 -5.20 16.82 -12.93
CA ASP D 53 -4.64 18.15 -12.73
C ASP D 53 -5.70 18.98 -12.05
N LEU D 54 -5.58 19.10 -10.72
CA LEU D 54 -6.65 19.72 -9.94
C LEU D 54 -7.04 21.15 -10.37
N SER D 55 -6.05 21.92 -10.84
CA SER D 55 -6.21 23.33 -11.22
C SER D 55 -5.74 23.53 -12.68
N GLY D 56 -6.04 22.58 -13.55
CA GLY D 56 -5.60 22.63 -14.93
C GLY D 56 -6.80 22.97 -15.82
N PRO D 57 -6.58 23.02 -17.14
CA PRO D 57 -7.63 23.49 -18.07
C PRO D 57 -8.96 22.76 -17.86
N LYS D 58 -10.06 23.50 -17.78
CA LYS D 58 -11.35 22.96 -17.41
C LYS D 58 -11.77 21.76 -18.28
N ASP D 59 -11.67 21.88 -19.61
CA ASP D 59 -11.97 20.77 -20.54
C ASP D 59 -11.22 19.47 -20.20
N GLU D 60 -9.92 19.55 -19.99
CA GLU D 60 -9.04 18.38 -19.76
C GLU D 60 -9.50 17.61 -18.53
N VAL D 61 -9.68 18.36 -17.43
CA VAL D 61 -10.00 17.82 -16.12
C VAL D 61 -11.39 17.23 -16.10
N SER D 62 -12.30 17.83 -16.86
CA SER D 62 -13.65 17.28 -17.04
C SER D 62 -13.60 15.95 -17.75
N ALA D 63 -12.77 15.88 -18.78
CA ALA D 63 -12.71 14.69 -19.61
C ALA D 63 -12.10 13.57 -18.78
N ALA D 64 -11.04 13.90 -18.06
CA ALA D 64 -10.36 12.97 -17.17
C ALA D 64 -11.27 12.43 -16.04
N LEU D 65 -12.06 13.28 -15.41
CA LEU D 65 -12.97 12.81 -14.36
C LEU D 65 -14.00 11.83 -14.92
N ASP D 66 -14.54 12.14 -16.09
CA ASP D 66 -15.56 11.29 -16.70
C ASP D 66 -14.98 9.90 -17.08
N ARG D 67 -13.69 9.86 -17.41
CA ARG D 67 -13.02 8.60 -17.75
C ARG D 67 -12.79 7.78 -16.50
N VAL D 68 -12.26 8.40 -15.41
CA VAL D 68 -11.92 7.64 -14.19
C VAL D 68 -13.09 7.26 -13.30
N SER D 70 -16.40 5.45 -12.35
CA SER D 70 -17.34 4.44 -12.76
C SER D 70 -18.77 4.99 -12.89
N ASP D 71 -19.64 4.22 -13.53
CA ASP D 71 -21.04 4.51 -13.51
C ASP D 71 -21.51 4.25 -12.09
N GLU D 72 -22.63 4.85 -11.75
CA GLU D 72 -23.19 4.68 -10.43
C GLU D 72 -23.60 3.22 -10.24
N ILE D 73 -23.23 2.67 -9.08
CA ILE D 73 -23.55 1.31 -8.69
C ILE D 73 -24.77 1.37 -7.77
N VAL D 74 -25.81 0.63 -8.12
CA VAL D 74 -27.03 0.55 -7.31
C VAL D 74 -27.13 -0.87 -6.77
N LEU D 75 -27.11 -1.04 -5.45
CA LEU D 75 -27.23 -2.35 -4.84
C LEU D 75 -28.67 -2.79 -4.53
N ASP D 76 -29.08 -4.00 -4.99
CA ASP D 76 -30.44 -4.53 -4.71
C ASP D 76 -30.60 -5.00 -3.23
N GLU D 77 -31.67 -5.72 -2.90
CA GLU D 77 -31.91 -6.21 -1.51
C GLU D 77 -30.86 -7.25 -1.05
N GLY D 78 -30.37 -7.10 0.16
CA GLY D 78 -29.39 -8.04 0.68
C GLY D 78 -28.12 -8.24 -0.15
N GLU D 79 -27.74 -7.20 -0.90
CA GLU D 79 -26.46 -7.12 -1.61
C GLU D 79 -25.50 -6.17 -0.83
N ALA D 80 -24.20 -6.43 -0.93
CA ALA D 80 -23.19 -5.66 -0.22
C ALA D 80 -22.21 -5.00 -1.17
N PHE D 81 -21.65 -3.87 -0.71
CA PHE D 81 -20.47 -3.24 -1.35
C PHE D 81 -19.29 -3.62 -0.48
N TYR D 82 -18.30 -4.27 -1.10
CA TYR D 82 -17.08 -4.69 -0.39
C TYR D 82 -16.01 -3.62 -0.52
N LEU D 83 -15.75 -2.94 0.57
CA LEU D 83 -14.67 -1.92 0.66
C LEU D 83 -13.34 -2.56 1.16
N HIS D 84 -12.38 -2.72 0.23
CA HIS D 84 -11.12 -3.38 0.54
C HIS D 84 -10.15 -2.38 1.12
N PRO D 85 -9.19 -2.84 1.92
CA PRO D 85 -8.10 -1.97 2.35
C PRO D 85 -7.47 -1.20 1.21
N GLY D 86 -7.21 0.10 1.46
CA GLY D 86 -6.53 0.97 0.51
C GLY D 86 -7.38 1.41 -0.64
N GLU D 87 -8.67 1.15 -0.61
CA GLU D 87 -9.55 1.50 -1.74
C GLU D 87 -10.42 2.66 -1.29
N LEU D 88 -10.43 3.71 -2.10
CA LEU D 88 -11.32 4.84 -1.93
C LEU D 88 -12.60 4.60 -2.73
N ALA D 89 -13.74 4.89 -2.13
CA ALA D 89 -15.04 4.78 -2.79
C ALA D 89 -16.02 5.89 -2.35
N LEU D 90 -16.91 6.27 -3.27
CA LEU D 90 -17.96 7.22 -2.98
C LEU D 90 -19.25 6.54 -2.67
N ALA D 91 -19.99 7.13 -1.75
CA ALA D 91 -21.28 6.60 -1.35
C ALA D 91 -22.15 7.81 -0.99
N VAL D 92 -23.30 7.57 -0.39
CA VAL D 92 -24.20 8.63 -0.03
C VAL D 92 -24.97 8.26 1.22
N THR D 93 -25.42 9.24 1.98
CA THR D 93 -26.33 8.95 3.08
C THR D 93 -27.72 8.64 2.55
N LEU D 94 -28.49 7.85 3.29
CA LEU D 94 -29.90 7.61 3.01
C LEU D 94 -30.67 8.91 3.23
N GLU D 95 -30.38 9.62 4.31
CA GLU D 95 -31.10 10.82 4.68
C GLU D 95 -30.71 12.02 3.81
N SER D 96 -31.71 12.80 3.42
CA SER D 96 -31.53 14.16 2.95
C SER D 96 -31.52 15.09 4.16
N VAL D 97 -30.64 16.07 4.16
CA VAL D 97 -30.58 17.05 5.24
C VAL D 97 -30.73 18.45 4.66
N THR D 98 -31.47 19.30 5.35
CA THR D 98 -31.66 20.67 4.91
C THR D 98 -31.44 21.59 6.08
N LEU D 99 -30.42 22.45 5.95
CA LEU D 99 -30.05 23.43 6.98
C LEU D 99 -30.43 24.85 6.61
N PRO D 100 -30.85 25.62 7.60
CA PRO D 100 -31.15 27.02 7.35
C PRO D 100 -29.84 27.83 7.32
N ALA D 101 -29.97 29.12 7.11
CA ALA D 101 -28.83 30.02 6.95
C ALA D 101 -28.07 30.27 8.25
N ASP D 102 -28.67 30.00 9.40
CA ASP D 102 -28.01 30.30 10.68
C ASP D 102 -27.50 29.03 11.39
N LEU D 103 -27.27 27.98 10.61
CA LEU D 103 -26.82 26.72 11.18
C LEU D 103 -25.80 26.03 10.31
N VAL D 104 -24.76 25.52 10.93
CA VAL D 104 -23.80 24.64 10.24
C VAL D 104 -23.83 23.23 10.85
N GLY D 105 -23.62 22.22 10.02
CA GLY D 105 -23.61 20.84 10.44
C GLY D 105 -22.25 20.18 10.33
N TRP D 106 -22.05 19.10 11.08
CA TRP D 106 -20.77 18.39 11.09
C TRP D 106 -20.97 16.90 11.10
N LEU D 107 -20.30 16.25 10.16
CA LEU D 107 -20.37 14.79 9.99
C LEU D 107 -19.22 14.06 10.73
N ASP D 108 -19.62 13.19 11.66
CA ASP D 108 -18.74 12.28 12.31
C ASP D 108 -18.94 10.94 11.67
N GLY D 109 -17.91 10.10 11.76
CA GLY D 109 -18.09 8.67 11.54
C GLY D 109 -18.56 8.01 12.82
N ARG D 110 -18.07 6.79 13.08
CA ARG D 110 -18.40 6.08 14.29
C ARG D 110 -17.21 5.38 14.86
N SER D 111 -17.11 5.38 16.19
CA SER D 111 -15.96 4.80 16.87
C SER D 111 -15.84 3.31 16.59
N SER D 112 -16.97 2.61 16.43
CA SER D 112 -16.99 1.19 16.10
C SER D 112 -16.46 0.92 14.70
N LEU D 113 -16.63 1.89 13.82
CA LEU D 113 -16.12 1.80 12.43
C LEU D 113 -14.68 2.24 12.41
N ALA D 114 -14.33 3.23 13.23
CA ALA D 114 -12.95 3.72 13.31
C ALA D 114 -11.99 2.58 13.73
N ARG D 115 -12.49 1.72 14.61
CA ARG D 115 -11.70 0.67 15.20
C ARG D 115 -11.46 -0.48 14.23
N LEU D 116 -12.12 -0.39 13.06
CA LEU D 116 -11.90 -1.27 11.92
C LEU D 116 -11.34 -0.52 10.73
N GLY D 117 -11.00 0.74 10.90
CA GLY D 117 -10.30 1.52 9.88
C GLY D 117 -11.17 2.25 8.89
N LEU D 118 -12.48 2.21 9.06
CA LEU D 118 -13.36 2.90 8.12
C LEU D 118 -13.49 4.41 8.40
N VAL D 120 -15.27 7.85 7.03
CA VAL D 120 -16.49 8.22 6.33
C VAL D 120 -16.38 9.59 5.61
N HIS D 121 -15.27 10.28 5.81
CA HIS D 121 -15.02 11.50 5.07
C HIS D 121 -13.48 11.67 4.98
N VAL D 122 -13.04 12.54 4.10
CA VAL D 122 -11.61 12.64 3.83
C VAL D 122 -11.32 14.11 4.03
N THR D 123 -11.08 14.46 5.29
CA THR D 123 -11.02 15.84 5.79
C THR D 123 -11.92 16.81 5.00
N ALA D 124 -13.18 16.46 4.93
CA ALA D 124 -14.23 17.38 4.52
C ALA D 124 -15.52 16.84 5.12
N HIS D 125 -15.96 17.49 6.19
CA HIS D 125 -17.10 17.00 7.00
C HIS D 125 -18.09 18.09 7.40
N ARG D 126 -17.97 19.27 6.78
CA ARG D 126 -18.84 20.43 7.05
C ARG D 126 -20.04 20.43 6.12
N ILE D 127 -21.22 20.55 6.70
CA ILE D 127 -22.47 20.66 5.96
C ILE D 127 -22.94 22.09 6.11
N ASP D 128 -22.92 22.82 5.01
CA ASP D 128 -23.07 24.28 5.10
C ASP D 128 -24.46 24.81 5.39
N PRO D 129 -24.56 26.01 5.97
CA PRO D 129 -25.86 26.66 6.12
C PRO D 129 -26.45 26.83 4.73
N GLY D 130 -27.75 26.55 4.57
CA GLY D 130 -28.42 26.55 3.29
C GLY D 130 -28.25 25.29 2.44
N TRP D 131 -27.45 24.36 2.94
CA TRP D 131 -27.31 23.05 2.31
C TRP D 131 -28.68 22.37 2.24
N SER D 132 -28.92 21.65 1.16
CA SER D 132 -30.09 20.80 1.04
C SER D 132 -29.84 19.64 0.11
N GLY D 133 -29.88 18.45 0.66
CA GLY D 133 -29.58 17.24 -0.11
C GLY D 133 -29.03 16.10 0.73
N CYS D 134 -28.90 14.98 0.05
CA CYS D 134 -28.19 13.84 0.58
C CYS D 134 -26.69 14.18 0.62
N ILE D 135 -26.00 13.62 1.61
CA ILE D 135 -24.59 13.89 1.84
C ILE D 135 -23.76 12.82 1.19
N VAL D 136 -22.87 13.22 0.30
CA VAL D 136 -21.95 12.29 -0.36
C VAL D 136 -20.84 11.86 0.57
N LEU D 137 -20.63 10.55 0.71
CA LEU D 137 -19.58 10.07 1.59
C LEU D 137 -18.37 9.65 0.84
N ALA D 138 -17.19 10.02 1.34
CA ALA D 138 -15.92 9.54 0.75
C ALA D 138 -15.31 8.53 1.74
N PHE D 139 -15.44 7.26 1.39
CA PHE D 139 -15.05 6.15 2.25
C PHE D 139 -13.64 5.70 1.97
N TYR D 140 -12.87 5.41 3.01
CA TYR D 140 -11.57 4.80 2.86
C TYR D 140 -11.33 3.78 3.95
N ASN D 141 -10.89 2.61 3.56
CA ASN D 141 -10.62 1.53 4.50
C ASN D 141 -9.12 1.52 4.77
N SER D 142 -8.75 1.99 5.95
CA SER D 142 -7.38 2.05 6.42
C SER D 142 -6.98 0.86 7.27
N GLY D 143 -7.88 -0.08 7.45
CA GLY D 143 -7.64 -1.27 8.25
C GLY D 143 -7.08 -2.45 7.49
N LYS D 144 -7.13 -3.60 8.15
CA LYS D 144 -6.53 -4.82 7.66
C LYS D 144 -7.55 -5.78 7.04
N LEU D 145 -8.85 -5.55 7.27
CA LEU D 145 -9.91 -6.37 6.67
C LEU D 145 -10.86 -5.64 5.73
N PRO D 146 -11.26 -6.34 4.66
CA PRO D 146 -12.34 -5.83 3.82
C PRO D 146 -13.57 -5.74 4.66
N LEU D 147 -14.41 -4.74 4.39
CA LEU D 147 -15.60 -4.52 5.16
C LEU D 147 -16.80 -4.52 4.22
N ALA D 148 -17.79 -5.35 4.54
CA ALA D 148 -19.01 -5.34 3.76
C ALA D 148 -19.91 -4.18 4.23
N LEU D 149 -20.30 -3.33 3.32
CA LEU D 149 -21.23 -2.23 3.59
C LEU D 149 -22.57 -2.51 2.96
N ARG D 150 -23.65 -2.45 3.76
CA ARG D 150 -25.02 -2.73 3.32
C ARG D 150 -25.90 -1.52 3.51
N PRO D 151 -26.71 -1.13 2.52
CA PRO D 151 -27.68 -0.05 2.66
C PRO D 151 -28.51 -0.16 3.90
N GLY D 152 -28.67 0.95 4.61
CA GLY D 152 -29.48 0.99 5.82
C GLY D 152 -28.68 0.93 7.08
N LEU D 154 -26.14 1.91 10.07
CA LEU D 154 -25.67 3.13 10.71
C LEU D 154 -24.22 3.38 10.26
N ILE D 155 -23.98 4.55 9.67
CA ILE D 155 -22.70 4.88 9.05
C ILE D 155 -22.03 6.12 9.67
N GLY D 156 -22.78 6.98 10.35
CA GLY D 156 -22.18 8.16 10.95
C GLY D 156 -23.13 8.91 11.84
N ALA D 157 -22.78 10.14 12.15
CA ALA D 157 -23.59 11.03 12.98
C ALA D 157 -23.42 12.47 12.58
N LEU D 158 -24.46 13.26 12.80
CA LEU D 158 -24.42 14.71 12.56
C LEU D 158 -24.65 15.46 13.86
N SER D 159 -23.90 16.52 14.06
CA SER D 159 -24.15 17.46 15.14
C SER D 159 -24.34 18.80 14.48
N PHE D 160 -24.94 19.72 15.20
CA PHE D 160 -25.37 21.00 14.63
C PHE D 160 -24.99 22.18 15.52
N GLU D 161 -24.53 23.23 14.89
CA GLU D 161 -23.96 24.38 15.57
C GLU D 161 -24.59 25.68 15.05
N PRO D 162 -25.35 26.39 15.90
CA PRO D 162 -25.83 27.73 15.52
C PRO D 162 -24.67 28.63 15.17
N LEU D 163 -24.90 29.47 14.15
CA LEU D 163 -23.95 30.49 13.73
C LEU D 163 -24.25 31.76 14.49
N SER D 164 -23.29 32.68 14.46
CA SER D 164 -23.37 33.96 15.19
C SER D 164 -24.48 34.85 14.65
N GLY D 165 -24.84 34.64 13.39
CA GLY D 165 -26.04 35.23 12.85
C GLY D 165 -26.35 34.45 11.60
N PRO D 166 -27.37 34.84 10.85
CA PRO D 166 -27.70 34.15 9.61
C PRO D 166 -26.65 34.43 8.55
N ALA D 167 -26.20 33.42 7.81
CA ALA D 167 -25.25 33.70 6.74
C ALA D 167 -25.89 34.55 5.61
N VAL D 168 -25.17 35.54 5.12
CA VAL D 168 -25.60 36.39 4.01
C VAL D 168 -25.47 35.69 2.67
N ARG D 169 -24.51 34.75 2.57
CA ARG D 169 -24.30 33.91 1.38
C ARG D 169 -24.37 32.40 1.72
N PRO D 170 -25.54 31.93 2.08
CA PRO D 170 -25.70 30.51 2.38
C PRO D 170 -25.55 29.70 1.09
N TYR D 171 -25.48 28.38 1.21
CA TYR D 171 -25.12 27.51 0.12
C TYR D 171 -26.15 27.53 -1.01
N ASN D 172 -27.43 27.60 -0.68
CA ASN D 172 -28.53 27.57 -1.66
C ASN D 172 -28.60 28.79 -2.57
N ARG D 173 -27.93 29.88 -2.21
CA ARG D 173 -27.96 31.13 -2.96
C ARG D 173 -26.61 31.47 -3.62
N ARG D 174 -25.59 30.65 -3.36
CA ARG D 174 -24.25 30.96 -3.87
C ARG D 174 -24.05 30.38 -5.27
N GLU D 175 -23.65 31.24 -6.20
CA GLU D 175 -23.77 30.92 -7.64
C GLU D 175 -22.71 29.92 -8.13
N ASP D 176 -21.55 29.93 -7.49
CA ASP D 176 -20.50 28.99 -7.85
C ASP D 176 -20.42 27.76 -6.90
N ALA D 177 -21.46 27.55 -6.08
CA ALA D 177 -21.60 26.31 -5.32
C ALA D 177 -21.79 25.10 -6.28
N LYS D 178 -21.13 24.01 -5.95
CA LYS D 178 -21.01 22.89 -6.85
C LYS D 178 -22.06 21.81 -6.64
N TYR D 179 -22.59 21.65 -5.43
CA TYR D 179 -23.32 20.42 -5.04
C TYR D 179 -24.75 20.61 -4.53
N ARG D 180 -25.47 21.62 -5.03
CA ARG D 180 -26.93 21.75 -4.77
C ARG D 180 -27.66 20.69 -5.61
N ASN D 181 -28.84 20.22 -5.19
CA ASN D 181 -29.56 19.27 -6.06
C ASN D 181 -28.67 18.04 -6.33
N GLN D 182 -28.15 17.46 -5.23
CA GLN D 182 -27.21 16.33 -5.22
C GLN D 182 -27.97 15.11 -4.74
N GLN D 183 -28.14 14.14 -5.62
CA GLN D 183 -29.08 13.00 -5.38
C GLN D 183 -28.40 11.68 -4.98
N GLY D 184 -27.27 11.43 -5.65
CA GLY D 184 -26.59 10.16 -5.51
C GLY D 184 -25.15 10.32 -5.11
N ALA D 185 -24.34 9.33 -5.45
CA ALA D 185 -22.92 9.37 -5.16
C ALA D 185 -22.19 10.22 -6.20
N VAL D 186 -22.38 11.51 -6.09
CA VAL D 186 -21.88 12.46 -7.06
C VAL D 186 -20.35 12.56 -6.96
N ALA D 187 -19.70 12.53 -8.13
CA ALA D 187 -18.23 12.58 -8.24
C ALA D 187 -17.73 13.98 -8.06
N SER D 188 -16.43 14.12 -7.91
CA SER D 188 -15.82 15.42 -7.68
C SER D 188 -16.12 16.30 -8.88
N ARG D 189 -16.54 17.52 -8.61
CA ARG D 189 -16.76 18.52 -9.63
C ARG D 189 -15.69 19.61 -9.50
N ILE D 190 -14.49 19.25 -9.07
CA ILE D 190 -13.33 20.18 -8.94
C ILE D 190 -13.00 21.05 -10.21
N ASP D 191 -13.44 20.60 -11.38
CA ASP D 191 -13.27 21.34 -12.65
C ASP D 191 -13.96 22.70 -12.73
N LYS D 192 -15.01 22.84 -11.92
CA LYS D 192 -15.81 24.04 -11.90
C LYS D 192 -15.18 25.20 -11.12
N ASP D 193 -14.03 24.99 -10.49
CA ASP D 193 -13.32 26.10 -9.86
C ASP D 193 -12.90 27.15 -10.89
N ARG E 2 -16.18 27.19 22.36
CA ARG E 2 -15.33 26.28 23.15
C ARG E 2 -14.89 26.98 24.45
N LEU E 3 -14.71 26.21 25.50
CA LEU E 3 -14.14 26.72 26.71
C LEU E 3 -12.68 27.08 26.48
N CYS E 4 -12.31 28.28 26.94
CA CYS E 4 -10.91 28.66 27.00
C CYS E 4 -10.25 27.96 28.18
N ASP E 5 -8.93 28.04 28.26
CA ASP E 5 -8.17 27.35 29.29
C ASP E 5 -8.67 27.66 30.71
N ARG E 6 -9.07 28.90 30.94
CA ARG E 6 -9.55 29.37 32.22
C ARG E 6 -10.81 28.63 32.64
N ASP E 7 -11.74 28.54 31.70
CA ASP E 7 -13.05 27.92 31.92
C ASP E 7 -12.97 26.38 31.95
N ILE E 8 -12.01 25.81 31.21
CA ILE E 8 -11.65 24.41 31.39
C ILE E 8 -11.21 24.16 32.84
N GLU E 9 -10.30 24.96 33.35
CA GLU E 9 -9.87 24.91 34.78
C GLU E 9 -11.08 25.01 35.75
N ALA E 10 -11.89 26.04 35.52
CA ALA E 10 -13.01 26.37 36.40
C ALA E 10 -13.97 25.20 36.46
N TRP E 11 -14.20 24.56 35.31
CA TRP E 11 -15.12 23.42 35.26
C TRP E 11 -14.54 22.22 35.96
N LEU E 12 -13.22 22.05 35.85
CA LEU E 12 -12.52 20.98 36.59
C LEU E 12 -12.57 21.23 38.10
N ASP E 13 -12.46 22.48 38.51
CA ASP E 13 -12.48 22.87 39.92
C ASP E 13 -13.89 22.65 40.53
N GLU E 14 -14.94 22.94 39.76
CA GLU E 14 -16.32 22.76 40.22
C GLU E 14 -16.64 21.30 40.23
N GLY E 15 -15.93 20.53 39.41
CA GLY E 15 -16.12 19.10 39.30
C GLY E 15 -17.23 18.57 38.41
N ARG E 16 -17.90 19.36 37.60
CA ARG E 16 -18.94 18.75 36.73
C ARG E 16 -18.18 17.91 35.69
N LEU E 17 -17.14 18.55 35.17
CA LEU E 17 -16.11 17.94 34.35
C LEU E 17 -14.98 17.39 35.19
N SER E 18 -14.38 16.33 34.66
CA SER E 18 -13.41 15.54 35.35
C SER E 18 -12.41 14.96 34.38
N ILE E 19 -11.13 15.07 34.70
CA ILE E 19 -10.05 14.40 33.98
C ILE E 19 -9.07 13.81 34.99
N ASN E 20 -8.81 12.50 34.90
CA ASN E 20 -8.08 11.78 35.96
C ASN E 20 -7.02 10.88 35.34
N PRO E 21 -5.76 11.07 35.69
CA PRO E 21 -5.27 12.17 36.52
C PRO E 21 -5.35 13.53 35.85
N ARG E 22 -5.57 14.57 36.66
CA ARG E 22 -5.72 15.91 36.13
C ARG E 22 -4.35 16.43 35.60
N PRO E 23 -4.26 16.82 34.33
CA PRO E 23 -3.00 17.36 33.82
C PRO E 23 -2.66 18.70 34.47
N PRO E 24 -1.39 19.01 34.59
CA PRO E 24 -1.00 20.25 35.27
C PRO E 24 -1.41 21.46 34.44
N VAL E 25 -1.13 22.63 34.94
CA VAL E 25 -1.41 23.89 34.26
C VAL E 25 -0.69 24.06 32.94
N GLU E 26 0.51 23.48 32.81
CA GLU E 26 1.30 23.60 31.57
C GLU E 26 0.71 22.81 30.38
N ARG E 27 -0.22 21.92 30.65
CA ARG E 27 -0.88 21.13 29.64
C ARG E 27 -2.35 21.54 29.42
N ILE E 28 -2.75 22.67 29.97
CA ILE E 28 -4.07 23.25 29.69
C ILE E 28 -3.88 24.66 29.17
N ASN E 29 -4.15 24.89 27.89
CA ASN E 29 -3.85 26.18 27.28
C ASN E 29 -4.68 26.43 26.03
N GLY E 30 -4.88 27.71 25.75
CA GLY E 30 -5.73 28.12 24.65
C GLY E 30 -7.17 27.68 24.83
N ALA E 31 -7.53 26.60 24.15
CA ALA E 31 -8.88 26.00 24.29
C ALA E 31 -8.82 24.47 24.39
N THR E 32 -7.71 23.95 24.87
CA THR E 32 -7.50 22.52 24.95
C THR E 32 -6.75 22.03 26.18
N VAL E 33 -6.94 20.75 26.42
CA VAL E 33 -6.17 19.99 27.37
C VAL E 33 -5.42 18.94 26.57
N ASP E 34 -4.11 18.82 26.77
CA ASP E 34 -3.33 17.75 26.18
C ASP E 34 -3.63 16.46 26.92
N VAL E 35 -3.70 15.38 26.17
CA VAL E 35 -3.84 14.05 26.71
C VAL E 35 -2.64 13.18 26.33
N ARG E 36 -2.41 12.13 27.13
CA ARG E 36 -1.23 11.30 27.03
C ARG E 36 -1.57 9.86 26.57
N LEU E 37 -0.56 9.17 26.04
CA LEU E 37 -0.69 7.78 25.58
C LEU E 37 -0.61 6.85 26.74
N GLY E 38 -1.55 5.92 26.84
CA GLY E 38 -1.58 4.89 27.86
C GLY E 38 -0.63 3.79 27.48
N ASN E 39 -0.83 2.61 28.05
CA ASN E 39 0.08 1.49 27.85
C ASN E 39 -0.54 0.16 27.38
N LYS E 40 -1.73 0.23 26.79
CA LYS E 40 -2.43 -0.92 26.29
C LYS E 40 -2.69 -0.74 24.79
N PHE E 41 -2.59 -1.83 24.06
CA PHE E 41 -2.68 -1.83 22.62
C PHE E 41 -3.32 -3.10 22.07
N ARG E 42 -3.83 -3.00 20.84
CA ARG E 42 -4.39 -4.14 20.14
C ARG E 42 -4.06 -4.05 18.66
N THR E 43 -3.73 -5.21 18.07
CA THR E 43 -3.47 -5.35 16.64
C THR E 43 -4.41 -6.35 16.04
N PHE E 44 -4.33 -6.47 14.71
CA PHE E 44 -5.23 -7.31 13.91
C PHE E 44 -4.51 -8.54 13.40
N ARG E 45 -5.25 -9.63 13.28
CA ARG E 45 -4.76 -10.89 12.77
C ARG E 45 -5.66 -11.18 11.57
N GLY E 46 -5.34 -10.61 10.41
CA GLY E 46 -6.20 -10.74 9.24
C GLY E 46 -6.29 -12.10 8.58
N HIS E 47 -5.33 -12.96 8.90
CA HIS E 47 -5.20 -14.27 8.27
C HIS E 47 -6.30 -15.26 8.73
N THR E 48 -7.07 -14.89 9.78
CA THR E 48 -8.12 -15.78 10.34
C THR E 48 -9.52 -15.53 9.81
N ALA E 49 -9.67 -14.46 9.01
CA ALA E 49 -10.95 -14.17 8.36
C ALA E 49 -10.77 -13.44 7.02
N ALA E 50 -11.81 -13.55 6.19
CA ALA E 50 -11.84 -12.96 4.86
C ALA E 50 -12.30 -11.52 4.88
N PHE E 51 -13.24 -11.24 5.77
CA PHE E 51 -13.85 -9.91 5.88
C PHE E 51 -14.70 -9.78 7.15
N ILE E 52 -15.18 -8.59 7.40
CA ILE E 52 -16.12 -8.37 8.47
C ILE E 52 -17.38 -7.79 7.87
N ASP E 53 -18.49 -8.47 8.09
CA ASP E 53 -19.79 -8.05 7.63
C ASP E 53 -20.41 -7.07 8.63
N LEU E 54 -20.26 -5.79 8.36
CA LEU E 54 -20.59 -4.78 9.36
C LEU E 54 -22.05 -4.80 9.87
N SER E 55 -23.00 -5.08 8.99
CA SER E 55 -24.39 -5.29 9.44
C SER E 55 -24.94 -6.69 9.11
N GLY E 56 -24.18 -7.74 9.42
CA GLY E 56 -24.56 -9.12 9.14
C GLY E 56 -24.99 -9.80 10.42
N PRO E 57 -25.31 -11.08 10.39
CA PRO E 57 -25.84 -11.77 11.58
C PRO E 57 -24.94 -11.57 12.79
N LYS E 58 -25.50 -11.24 13.93
CA LYS E 58 -24.74 -10.91 15.15
C LYS E 58 -23.69 -11.98 15.53
N ASP E 59 -24.05 -13.26 15.50
CA ASP E 59 -23.11 -14.31 15.89
C ASP E 59 -21.93 -14.42 14.91
N GLU E 60 -22.20 -14.24 13.61
CA GLU E 60 -21.13 -14.25 12.59
C GLU E 60 -20.16 -13.03 12.66
N VAL E 61 -20.62 -11.86 13.15
CA VAL E 61 -19.79 -10.67 13.28
C VAL E 61 -18.93 -10.80 14.52
N SER E 62 -19.57 -11.24 15.62
CA SER E 62 -18.89 -11.49 16.90
C SER E 62 -17.76 -12.53 16.80
N ALA E 63 -18.04 -13.66 16.18
CA ALA E 63 -17.06 -14.73 16.08
C ALA E 63 -15.83 -14.28 15.25
N ALA E 64 -16.11 -13.53 14.19
CA ALA E 64 -15.09 -12.90 13.36
C ALA E 64 -14.23 -11.83 14.08
N LEU E 65 -14.85 -10.95 14.87
CA LEU E 65 -14.11 -9.98 15.64
C LEU E 65 -13.17 -10.64 16.60
N ASP E 66 -13.64 -11.69 17.29
CA ASP E 66 -12.82 -12.39 18.30
C ASP E 66 -11.66 -13.15 17.68
N ARG E 67 -11.82 -13.53 16.42
CA ARG E 67 -10.76 -14.15 15.66
C ARG E 67 -9.68 -13.19 15.20
N VAL E 68 -10.07 -12.01 14.71
CA VAL E 68 -9.11 -11.03 14.16
C VAL E 68 -8.42 -10.14 15.19
N SER E 70 -6.18 -9.33 18.30
CA SER E 70 -5.16 -9.85 19.20
C SER E 70 -5.63 -9.73 20.66
N ASP E 71 -4.95 -10.38 21.57
CA ASP E 71 -5.09 -10.05 22.99
C ASP E 71 -4.50 -8.68 23.16
N GLU E 72 -4.88 -8.09 24.27
CA GLU E 72 -4.35 -6.83 24.68
C GLU E 72 -2.86 -6.97 24.92
N ILE E 73 -2.13 -5.99 24.40
CA ILE E 73 -0.71 -5.87 24.57
C ILE E 73 -0.47 -4.82 25.68
N VAL E 74 0.30 -5.22 26.69
CA VAL E 74 0.66 -4.34 27.81
C VAL E 74 2.15 -4.10 27.80
N LEU E 75 2.51 -2.84 27.62
CA LEU E 75 3.89 -2.46 27.58
C LEU E 75 4.40 -2.14 28.99
N ASP E 76 5.60 -2.62 29.29
CA ASP E 76 6.29 -2.34 30.55
C ASP E 76 7.08 -1.05 30.45
N GLU E 77 7.96 -0.79 31.42
CA GLU E 77 8.71 0.48 31.51
C GLU E 77 9.64 0.62 30.27
N GLY E 78 9.54 1.73 29.55
CA GLY E 78 10.42 1.96 28.41
C GLY E 78 10.44 0.92 27.27
N GLU E 79 9.35 0.18 27.12
CA GLU E 79 9.06 -0.62 25.96
C GLU E 79 8.26 0.27 24.99
N ALA E 80 8.48 0.07 23.70
CA ALA E 80 7.77 0.84 22.66
C ALA E 80 6.82 -0.07 21.86
N PHE E 81 5.79 0.54 21.30
CA PHE E 81 4.96 -0.07 20.29
C PHE E 81 5.40 0.57 19.01
N TYR E 82 5.77 -0.26 18.02
CA TYR E 82 6.21 0.25 16.71
C TYR E 82 5.05 0.25 15.71
N LEU E 83 4.58 1.46 15.38
CA LEU E 83 3.52 1.64 14.39
C LEU E 83 4.07 1.79 12.97
N HIS E 84 3.82 0.81 12.11
CA HIS E 84 4.46 0.78 10.81
C HIS E 84 3.53 1.42 9.76
N PRO E 85 4.08 2.09 8.75
CA PRO E 85 3.22 2.62 7.70
C PRO E 85 2.20 1.58 7.20
N GLY E 86 0.97 2.05 7.03
CA GLY E 86 -0.13 1.23 6.57
C GLY E 86 -0.70 0.26 7.59
N GLU E 87 -0.37 0.42 8.89
CA GLU E 87 -0.86 -0.50 9.93
C GLU E 87 -1.79 0.28 10.81
N LEU E 88 -2.98 -0.25 11.02
CA LEU E 88 -3.96 0.28 11.93
C LEU E 88 -3.75 -0.45 13.21
N ALA E 89 -3.82 0.28 14.34
CA ALA E 89 -3.72 -0.28 15.70
C ALA E 89 -4.60 0.48 16.71
N LEU E 90 -5.00 -0.19 17.77
CA LEU E 90 -5.80 0.42 18.79
C LEU E 90 -4.92 0.74 19.97
N ALA E 91 -5.22 1.82 20.64
CA ALA E 91 -4.52 2.17 21.84
C ALA E 91 -5.54 2.87 22.71
N VAL E 92 -5.09 3.50 23.79
CA VAL E 92 -5.95 4.15 24.75
C VAL E 92 -5.23 5.38 25.32
N THR E 93 -5.99 6.37 25.78
CA THR E 93 -5.41 7.50 26.54
C THR E 93 -5.10 7.06 27.96
N LEU E 94 -4.06 7.66 28.55
CA LEU E 94 -3.75 7.49 29.95
C LEU E 94 -4.88 8.02 30.79
N GLU E 95 -5.41 9.16 30.40
CA GLU E 95 -6.44 9.88 31.18
C GLU E 95 -7.83 9.33 31.01
N SER E 96 -8.53 9.17 32.11
CA SER E 96 -9.95 8.96 32.05
C SER E 96 -10.59 10.33 31.99
N VAL E 97 -11.64 10.47 31.18
CA VAL E 97 -12.44 11.71 31.11
C VAL E 97 -13.89 11.41 31.45
N THR E 98 -14.51 12.28 32.21
CA THR E 98 -15.94 12.19 32.52
C THR E 98 -16.60 13.51 32.20
N LEU E 99 -17.60 13.50 31.30
CA LEU E 99 -18.33 14.71 30.91
C LEU E 99 -19.75 14.67 31.47
N PRO E 100 -20.27 15.83 31.87
CA PRO E 100 -21.66 15.93 32.26
C PRO E 100 -22.58 15.99 31.02
N ALA E 101 -23.89 16.08 31.27
CA ALA E 101 -24.89 16.00 30.23
C ALA E 101 -24.95 17.21 29.34
N ASP E 102 -24.40 18.33 29.78
CA ASP E 102 -24.50 19.57 28.99
C ASP E 102 -23.19 19.98 28.32
N LEU E 103 -22.35 19.00 28.03
CA LEU E 103 -21.04 19.22 27.43
C LEU E 103 -20.64 18.09 26.53
N VAL E 104 -20.04 18.46 25.38
CA VAL E 104 -19.48 17.50 24.41
C VAL E 104 -18.04 17.81 24.21
N GLY E 105 -17.24 16.79 23.97
CA GLY E 105 -15.79 16.93 23.86
C GLY E 105 -15.28 16.54 22.48
N TRP E 106 -14.10 17.02 22.14
CA TRP E 106 -13.54 16.73 20.83
C TRP E 106 -12.08 16.41 20.93
N LEU E 107 -11.71 15.27 20.32
CA LEU E 107 -10.34 14.82 20.29
C LEU E 107 -9.60 15.29 19.04
N ASP E 108 -8.51 16.01 19.25
CA ASP E 108 -7.53 16.35 18.22
C ASP E 108 -6.32 15.46 18.38
N GLY E 109 -5.61 15.25 17.27
CA GLY E 109 -4.25 14.74 17.32
C GLY E 109 -3.31 15.91 17.60
N ARG E 110 -2.14 15.89 16.98
CA ARG E 110 -1.17 16.98 17.17
C ARG E 110 -0.47 17.28 15.87
N SER E 111 -0.22 18.56 15.62
CA SER E 111 0.40 18.98 14.36
C SER E 111 1.77 18.33 14.12
N SER E 112 2.53 18.13 15.20
CA SER E 112 3.85 17.50 15.15
C SER E 112 3.77 16.04 14.75
N LEU E 113 2.63 15.43 15.06
CA LEU E 113 2.41 14.01 14.75
C LEU E 113 1.85 13.92 13.34
N ALA E 114 0.96 14.85 13.00
CA ALA E 114 0.41 14.94 11.66
C ALA E 114 1.52 15.02 10.62
N ARG E 115 2.57 15.76 10.92
CA ARG E 115 3.64 16.02 9.97
C ARG E 115 4.54 14.82 9.78
N LEU E 116 4.28 13.76 10.56
CA LEU E 116 4.88 12.45 10.40
C LEU E 116 3.86 11.37 10.05
N GLY E 117 2.64 11.78 9.78
CA GLY E 117 1.61 10.89 9.29
C GLY E 117 0.78 10.15 10.33
N LEU E 118 1.03 10.41 11.60
CA LEU E 118 0.22 9.77 12.62
C LEU E 118 -1.20 10.37 12.84
N VAL E 120 -4.69 9.96 14.99
CA VAL E 120 -5.06 9.46 16.33
C VAL E 120 -6.53 9.07 16.45
N HIS E 121 -7.28 9.28 15.38
CA HIS E 121 -8.64 8.82 15.22
C HIS E 121 -8.92 8.58 13.75
N VAL E 122 -10.01 7.89 13.49
CA VAL E 122 -10.38 7.51 12.13
C VAL E 122 -11.83 7.97 11.95
N THR E 123 -11.93 9.25 11.57
CA THR E 123 -13.17 10.05 11.57
C THR E 123 -14.18 9.64 12.65
N ALA E 124 -13.72 9.59 13.89
CA ALA E 124 -14.59 9.48 15.06
C ALA E 124 -13.84 10.03 16.26
N HIS E 125 -14.19 11.27 16.63
CA HIS E 125 -13.46 12.06 17.63
C HIS E 125 -14.37 12.81 18.58
N ARG E 126 -15.62 12.43 18.62
CA ARG E 126 -16.57 13.03 19.53
C ARG E 126 -16.58 12.20 20.82
N ILE E 127 -16.46 12.92 21.94
CA ILE E 127 -16.62 12.40 23.29
C ILE E 127 -17.94 12.90 23.84
N ASP E 128 -18.88 12.02 24.03
CA ASP E 128 -20.26 12.45 24.25
C ASP E 128 -20.52 13.03 25.66
N PRO E 129 -21.61 13.77 25.77
CA PRO E 129 -22.12 14.15 27.09
C PRO E 129 -22.48 12.90 27.87
N GLY E 130 -22.05 12.84 29.13
CA GLY E 130 -22.25 11.67 29.97
C GLY E 130 -21.19 10.62 29.84
N TRP E 131 -20.29 10.80 28.90
CA TRP E 131 -19.21 9.85 28.69
C TRP E 131 -18.42 9.76 29.97
N SER E 132 -17.91 8.59 30.26
CA SER E 132 -17.01 8.42 31.38
C SER E 132 -16.09 7.24 31.11
N GLY E 133 -14.81 7.51 31.01
CA GLY E 133 -13.85 6.46 30.72
C GLY E 133 -12.62 6.97 29.98
N CYS E 134 -11.65 6.10 29.88
CA CYS E 134 -10.50 6.33 29.03
C CYS E 134 -10.97 6.29 27.59
N ILE E 135 -10.28 7.00 26.74
CA ILE E 135 -10.63 7.12 25.35
C ILE E 135 -9.79 6.21 24.48
N VAL E 136 -10.47 5.40 23.69
CA VAL E 136 -9.79 4.44 22.83
C VAL E 136 -9.33 5.17 21.58
N LEU E 137 -8.06 4.98 21.25
CA LEU E 137 -7.49 5.61 20.06
C LEU E 137 -7.34 4.62 18.96
N ALA E 138 -7.75 5.03 17.75
CA ALA E 138 -7.56 4.27 16.55
C ALA E 138 -6.43 4.96 15.75
N PHE E 139 -5.23 4.39 15.84
CA PHE E 139 -4.03 4.96 15.22
C PHE E 139 -3.84 4.48 13.81
N TYR E 140 -3.40 5.34 12.91
CA TYR E 140 -2.97 4.89 11.59
C TYR E 140 -1.77 5.68 11.13
N ASN E 141 -0.71 5.01 10.70
CA ASN E 141 0.50 5.67 10.21
C ASN E 141 0.41 5.80 8.69
N SER E 142 0.14 7.01 8.22
CA SER E 142 0.05 7.33 6.80
C SER E 142 1.40 7.87 6.22
N GLY E 143 2.40 7.93 7.07
CA GLY E 143 3.70 8.40 6.66
C GLY E 143 4.59 7.34 6.03
N LYS E 144 5.85 7.70 5.92
CA LYS E 144 6.93 6.92 5.31
C LYS E 144 7.83 6.21 6.38
N LEU E 145 7.76 6.66 7.62
CA LEU E 145 8.58 6.03 8.65
C LEU E 145 7.77 5.37 9.76
N PRO E 146 8.23 4.21 10.21
CA PRO E 146 7.70 3.60 11.44
C PRO E 146 7.91 4.59 12.54
N LEU E 147 6.99 4.63 13.50
CA LEU E 147 7.05 5.53 14.61
C LEU E 147 7.01 4.72 15.89
N ALA E 148 7.96 4.96 16.78
CA ALA E 148 7.90 4.33 18.10
C ALA E 148 7.02 5.16 19.01
N LEU E 149 6.00 4.52 19.53
CA LEU E 149 5.05 5.09 20.50
C LEU E 149 5.35 4.53 21.87
N ARG E 150 5.51 5.43 22.84
CA ARG E 150 5.86 5.08 24.20
C ARG E 150 4.79 5.62 25.16
N PRO E 151 4.34 4.81 26.13
CA PRO E 151 3.42 5.30 27.18
C PRO E 151 3.86 6.59 27.82
N GLY E 152 2.94 7.52 28.04
CA GLY E 152 3.22 8.76 28.70
C GLY E 152 3.46 9.91 27.76
N LEU E 154 2.82 12.74 24.95
CA LEU E 154 1.71 13.58 24.53
C LEU E 154 1.21 13.12 23.17
N ILE E 155 -0.07 12.75 23.10
CA ILE E 155 -0.62 12.09 21.92
C ILE E 155 -1.76 12.90 21.27
N GLY E 156 -2.39 13.79 22.01
CA GLY E 156 -3.48 14.52 21.44
C GLY E 156 -3.97 15.60 22.37
N ALA E 157 -5.15 16.13 22.07
CA ALA E 157 -5.73 17.23 22.84
C ALA E 157 -7.24 17.11 22.84
N LEU E 158 -7.87 17.61 23.90
CA LEU E 158 -9.33 17.69 23.99
C LEU E 158 -9.82 19.15 24.12
N SER E 159 -10.87 19.47 23.39
CA SER E 159 -11.55 20.73 23.55
C SER E 159 -12.95 20.43 24.00
N PHE E 160 -13.62 21.40 24.59
CA PHE E 160 -14.93 21.16 25.19
C PHE E 160 -15.94 22.26 24.82
N GLU E 161 -17.18 21.83 24.56
CA GLU E 161 -18.17 22.68 23.95
C GLU E 161 -19.49 22.52 24.71
N PRO E 162 -19.95 23.58 25.36
CA PRO E 162 -21.28 23.53 26.01
C PRO E 162 -22.33 23.23 24.97
N LEU E 163 -23.33 22.48 25.40
CA LEU E 163 -24.48 22.22 24.60
C LEU E 163 -25.55 23.28 24.93
N SER E 164 -26.56 23.35 24.05
CA SER E 164 -27.64 24.34 24.16
C SER E 164 -28.42 24.10 25.47
N GLY E 165 -28.49 22.85 25.85
CA GLY E 165 -29.01 22.52 27.17
C GLY E 165 -28.48 21.15 27.56
N PRO E 166 -28.92 20.62 28.69
CA PRO E 166 -28.52 19.27 29.11
C PRO E 166 -29.14 18.16 28.28
N ALA E 167 -28.33 17.23 27.78
CA ALA E 167 -28.91 16.15 26.98
C ALA E 167 -29.89 15.28 27.81
N VAL E 168 -31.02 14.96 27.23
CA VAL E 168 -32.02 14.10 27.87
C VAL E 168 -31.56 12.64 27.86
N ARG E 169 -30.77 12.30 26.84
CA ARG E 169 -30.26 10.94 26.67
C ARG E 169 -28.75 10.94 26.57
N PRO E 170 -28.09 11.29 27.65
CA PRO E 170 -26.63 11.30 27.64
C PRO E 170 -26.10 9.85 27.61
N TYR E 171 -24.78 9.70 27.43
CA TYR E 171 -24.19 8.41 27.16
C TYR E 171 -24.30 7.41 28.33
N ASN E 172 -24.21 7.92 29.56
CA ASN E 172 -24.28 7.07 30.75
C ASN E 172 -25.64 6.50 31.04
N ARG E 173 -26.67 7.00 30.36
CA ARG E 173 -28.05 6.53 30.56
C ARG E 173 -28.66 5.83 29.34
N ARG E 174 -28.03 5.95 28.17
CA ARG E 174 -28.54 5.38 26.93
C ARG E 174 -28.42 3.83 26.88
N GLU E 175 -29.53 3.12 26.68
CA GLU E 175 -29.57 1.65 26.85
C GLU E 175 -28.61 0.87 25.93
N ASP E 176 -28.53 1.27 24.66
CA ASP E 176 -27.76 0.56 23.62
C ASP E 176 -26.36 1.17 23.34
N ALA E 177 -25.87 2.00 24.27
CA ALA E 177 -24.50 2.52 24.21
C ALA E 177 -23.45 1.42 24.45
N LYS E 178 -22.40 1.47 23.67
CA LYS E 178 -21.53 0.30 23.52
C LYS E 178 -20.33 0.32 24.45
N TYR E 179 -19.87 1.51 24.83
CA TYR E 179 -18.52 1.70 25.41
C TYR E 179 -18.43 2.35 26.79
N ARG E 180 -19.44 2.15 27.65
CA ARG E 180 -19.34 2.54 29.08
C ARG E 180 -18.30 1.61 29.75
N ASN E 181 -17.48 2.10 30.67
CA ASN E 181 -16.45 1.29 31.35
C ASN E 181 -15.29 0.77 30.51
N GLN E 182 -14.65 1.66 29.78
CA GLN E 182 -13.59 1.35 28.83
C GLN E 182 -12.27 1.63 29.61
N GLN E 183 -11.72 0.57 30.17
CA GLN E 183 -10.47 0.66 30.95
C GLN E 183 -9.30 0.54 29.93
N GLY E 184 -9.44 -0.23 28.82
CA GLY E 184 -8.30 -0.46 27.94
C GLY E 184 -8.47 -0.20 26.44
N ALA E 185 -7.71 -0.92 25.63
CA ALA E 185 -7.83 -0.82 24.17
C ALA E 185 -8.93 -1.71 23.66
N VAL E 186 -10.18 -1.30 23.89
CA VAL E 186 -11.36 -2.09 23.58
C VAL E 186 -11.56 -2.12 22.07
N ALA E 187 -11.83 -3.32 21.56
CA ALA E 187 -12.04 -3.54 20.13
C ALA E 187 -13.43 -3.06 19.73
N SER E 188 -13.66 -2.95 18.42
CA SER E 188 -14.95 -2.60 17.89
C SER E 188 -16.01 -3.54 18.45
N ARG E 189 -17.07 -2.94 18.96
CA ARG E 189 -18.29 -3.62 19.24
C ARG E 189 -19.39 -3.36 18.20
N ILE E 190 -19.04 -3.06 16.96
CA ILE E 190 -20.02 -2.97 15.90
C ILE E 190 -21.09 -4.12 15.90
N ASP E 191 -20.75 -5.34 16.32
CA ASP E 191 -21.71 -6.47 16.39
C ASP E 191 -22.97 -6.23 17.25
N LYS E 192 -22.97 -5.21 18.10
CA LYS E 192 -24.04 -4.96 19.04
C LYS E 192 -25.05 -3.96 18.53
N ASP E 193 -24.94 -3.50 17.28
CA ASP E 193 -25.96 -2.64 16.65
C ASP E 193 -27.37 -3.25 16.56
N ARG F 2 -20.14 29.17 15.46
CA ARG F 2 -19.16 29.66 14.49
C ARG F 2 -19.59 31.00 13.96
N LEU F 3 -18.62 31.82 13.58
CA LEU F 3 -18.93 33.06 12.92
C LEU F 3 -19.47 32.80 11.53
N CYS F 4 -20.61 33.43 11.22
CA CYS F 4 -21.11 33.46 9.87
C CYS F 4 -20.25 34.40 9.03
N ASP F 5 -20.44 34.38 7.72
CA ASP F 5 -19.64 35.18 6.80
C ASP F 5 -19.62 36.67 7.14
N ARG F 6 -20.78 37.26 7.45
CA ARG F 6 -20.84 38.69 7.78
C ARG F 6 -19.98 39.00 9.01
N ASP F 7 -20.05 38.12 10.02
CA ASP F 7 -19.30 38.29 11.25
C ASP F 7 -17.81 38.10 11.09
N ILE F 8 -17.40 37.13 10.26
CA ILE F 8 -16.00 37.00 9.81
C ILE F 8 -15.44 38.35 9.20
N GLU F 9 -16.21 38.96 8.30
CA GLU F 9 -15.83 40.20 7.62
C GLU F 9 -15.71 41.32 8.69
N ALA F 10 -16.65 41.30 9.62
CA ALA F 10 -16.68 42.31 10.68
C ALA F 10 -15.43 42.17 11.52
N TRP F 11 -15.03 40.93 11.84
CA TRP F 11 -13.85 40.72 12.68
C TRP F 11 -12.56 41.06 11.92
N LEU F 12 -12.57 40.82 10.62
CA LEU F 12 -11.43 41.21 9.79
C LEU F 12 -11.29 42.73 9.70
N ASP F 13 -12.42 43.43 9.59
CA ASP F 13 -12.47 44.89 9.50
C ASP F 13 -11.94 45.52 10.84
N GLU F 14 -12.21 44.89 12.00
CA GLU F 14 -11.68 45.39 13.32
C GLU F 14 -10.20 45.09 13.58
N GLY F 15 -9.67 44.04 12.95
CA GLY F 15 -8.24 43.73 12.97
C GLY F 15 -7.58 42.93 14.10
N ARG F 16 -8.35 42.33 14.99
CA ARG F 16 -7.76 41.38 15.96
C ARG F 16 -7.66 39.97 15.35
N LEU F 17 -8.63 39.58 14.53
CA LEU F 17 -8.39 38.52 13.54
C LEU F 17 -7.83 39.06 12.21
N SER F 18 -6.78 38.44 11.66
CA SER F 18 -6.35 38.79 10.31
C SER F 18 -5.88 37.62 9.48
N ILE F 19 -6.16 37.73 8.17
CA ILE F 19 -5.62 36.83 7.13
C ILE F 19 -4.93 37.69 6.05
N ASN F 20 -3.59 37.62 5.94
CA ASN F 20 -2.80 38.32 4.88
C ASN F 20 -2.34 37.29 3.81
N PRO F 21 -2.65 37.47 2.52
CA PRO F 21 -3.57 38.51 2.02
C PRO F 21 -4.99 38.16 2.29
N ARG F 22 -5.85 39.18 2.44
CA ARG F 22 -7.24 38.96 2.77
C ARG F 22 -8.05 38.48 1.54
N PRO F 23 -8.67 37.30 1.59
CA PRO F 23 -9.41 36.79 0.44
C PRO F 23 -10.60 37.66 0.14
N PRO F 24 -11.00 37.77 -1.13
CA PRO F 24 -12.08 38.67 -1.50
C PRO F 24 -13.41 38.15 -0.95
N VAL F 25 -14.49 38.86 -1.23
CA VAL F 25 -15.83 38.51 -0.78
C VAL F 25 -16.27 37.14 -1.39
N GLU F 26 -15.71 36.79 -2.56
CA GLU F 26 -16.11 35.56 -3.29
C GLU F 26 -15.70 34.29 -2.52
N ARG F 27 -14.71 34.47 -1.66
CA ARG F 27 -14.12 33.38 -0.89
C ARG F 27 -14.50 33.37 0.62
N ILE F 28 -15.43 34.22 1.03
CA ILE F 28 -15.94 34.21 2.38
C ILE F 28 -17.43 34.03 2.30
N ASN F 29 -17.93 32.90 2.75
CA ASN F 29 -19.33 32.58 2.64
C ASN F 29 -19.75 31.52 3.64
N GLY F 30 -21.03 31.50 3.96
CA GLY F 30 -21.59 30.58 4.94
C GLY F 30 -20.97 30.82 6.30
N ALA F 31 -20.03 29.96 6.68
CA ALA F 31 -19.31 30.10 7.94
C ALA F 31 -17.85 29.82 7.76
N THR F 32 -17.33 30.02 6.54
CA THR F 32 -15.93 29.74 6.25
C THR F 32 -15.27 30.76 5.31
N VAL F 33 -13.96 30.76 5.39
CA VAL F 33 -13.08 31.46 4.47
C VAL F 33 -12.26 30.39 3.79
N ASP F 34 -12.27 30.40 2.47
CA ASP F 34 -11.42 29.52 1.68
C ASP F 34 -9.96 29.96 1.81
N VAL F 35 -9.06 29.00 1.91
CA VAL F 35 -7.63 29.27 1.86
C VAL F 35 -7.03 28.59 0.65
N ARG F 36 -5.84 29.04 0.29
CA ARG F 36 -5.21 28.68 -0.94
C ARG F 36 -3.85 28.06 -0.63
N LEU F 37 -3.34 27.24 -1.57
CA LEU F 37 -2.07 26.54 -1.37
C LEU F 37 -0.86 27.41 -1.62
N GLY F 38 0.18 27.31 -0.80
CA GLY F 38 1.43 28.03 -1.04
C GLY F 38 2.37 27.37 -2.05
N ASN F 39 3.63 27.79 -2.01
CA ASN F 39 4.68 27.39 -2.99
C ASN F 39 5.79 26.53 -2.41
N LYS F 40 5.68 26.11 -1.16
CA LYS F 40 6.77 25.40 -0.51
C LYS F 40 6.29 24.01 -0.06
N PHE F 41 7.18 23.04 -0.16
CA PHE F 41 6.83 21.62 0.05
C PHE F 41 7.97 20.82 0.66
N ARG F 42 7.63 19.72 1.29
CA ARG F 42 8.64 18.83 1.85
C ARG F 42 8.21 17.40 1.65
N THR F 43 9.18 16.55 1.30
CA THR F 43 8.99 15.10 1.21
C THR F 43 9.90 14.37 2.16
N PHE F 44 9.77 13.05 2.18
CA PHE F 44 10.51 12.19 3.12
C PHE F 44 11.57 11.33 2.40
N ARG F 45 12.67 11.08 3.07
CA ARG F 45 13.72 10.26 2.56
C ARG F 45 13.88 9.10 3.51
N GLY F 46 13.04 8.08 3.37
CA GLY F 46 12.93 7.02 4.34
C GLY F 46 14.15 6.14 4.36
N HIS F 47 14.94 6.18 3.28
CA HIS F 47 16.08 5.31 3.22
C HIS F 47 17.20 5.62 4.21
N THR F 48 17.14 6.76 4.90
CA THR F 48 18.24 7.16 5.82
C THR F 48 18.02 6.80 7.29
N ALA F 49 16.82 6.28 7.59
CA ALA F 49 16.51 5.84 8.97
C ALA F 49 15.54 4.67 9.04
N ALA F 50 15.62 3.93 10.13
CA ALA F 50 14.78 2.79 10.36
C ALA F 50 13.41 3.23 10.90
N PHE F 51 13.41 4.23 11.75
CA PHE F 51 12.17 4.69 12.42
C PHE F 51 12.40 6.02 13.12
N ILE F 52 11.34 6.57 13.66
CA ILE F 52 11.45 7.74 14.49
C ILE F 52 10.89 7.36 15.84
N ASP F 53 11.72 7.56 16.86
CA ASP F 53 11.33 7.37 18.24
C ASP F 53 10.67 8.65 18.74
N LEU F 54 9.34 8.66 18.76
CA LEU F 54 8.60 9.88 19.05
C LEU F 54 8.92 10.51 20.43
N SER F 55 9.33 9.71 21.41
CA SER F 55 9.55 10.17 22.80
C SER F 55 10.98 9.90 23.26
N GLY F 56 11.85 9.60 22.32
CA GLY F 56 13.16 9.05 22.62
C GLY F 56 14.12 10.20 22.81
N PRO F 57 15.40 9.90 23.10
CA PRO F 57 16.38 10.95 23.48
C PRO F 57 16.44 12.08 22.46
N LYS F 58 16.39 13.33 22.94
CA LYS F 58 16.22 14.50 22.08
C LYS F 58 17.27 14.58 20.93
N ASP F 59 18.55 14.38 21.25
CA ASP F 59 19.70 14.32 20.28
C ASP F 59 19.46 13.54 18.99
N GLU F 60 19.14 12.25 19.19
CA GLU F 60 18.98 11.28 18.12
C GLU F 60 17.72 11.59 17.35
N VAL F 61 16.64 11.96 18.05
CA VAL F 61 15.39 12.33 17.40
C VAL F 61 15.58 13.54 16.48
N SER F 62 16.35 14.54 16.88
CA SER F 62 16.60 15.69 15.98
C SER F 62 17.52 15.33 14.84
N ALA F 63 18.40 14.35 15.06
CA ALA F 63 19.31 13.88 14.03
C ALA F 63 18.56 13.08 12.97
N ALA F 64 17.65 12.22 13.43
CA ALA F 64 16.80 11.39 12.57
C ALA F 64 15.83 12.22 11.71
N LEU F 65 15.20 13.24 12.29
CA LEU F 65 14.34 14.15 11.56
C LEU F 65 15.08 14.90 10.46
N ASP F 66 16.28 15.38 10.74
CA ASP F 66 17.11 16.09 9.78
C ASP F 66 17.59 15.16 8.69
N ARG F 67 17.79 13.91 9.00
CA ARG F 67 18.08 12.93 7.95
C ARG F 67 16.92 12.66 6.95
N VAL F 68 15.71 12.42 7.48
CA VAL F 68 14.55 11.99 6.68
C VAL F 68 13.82 13.13 5.97
N SER F 70 13.49 16.04 3.43
CA SER F 70 14.08 16.68 2.27
C SER F 70 14.31 18.17 2.53
N ASP F 71 15.14 18.79 1.68
CA ASP F 71 15.26 20.24 1.63
C ASP F 71 13.91 20.73 1.22
N GLU F 72 13.59 22.01 1.53
CA GLU F 72 12.36 22.64 1.09
C GLU F 72 12.37 22.72 -0.43
N ILE F 73 11.22 22.37 -1.01
CA ILE F 73 10.99 22.39 -2.44
C ILE F 73 10.18 23.63 -2.76
N VAL F 74 10.71 24.47 -3.65
CA VAL F 74 10.06 25.71 -4.05
C VAL F 74 9.75 25.53 -5.51
N LEU F 75 8.48 25.48 -5.87
CA LEU F 75 8.08 25.33 -7.26
C LEU F 75 8.29 26.59 -8.12
N ASP F 76 8.86 26.42 -9.31
CA ASP F 76 9.13 27.54 -10.24
C ASP F 76 7.78 28.02 -10.88
N GLU F 77 7.87 28.94 -11.87
CA GLU F 77 6.73 29.33 -12.72
C GLU F 77 6.01 28.09 -13.28
N GLY F 78 4.69 28.03 -13.06
CA GLY F 78 3.88 26.99 -13.71
C GLY F 78 4.21 25.54 -13.36
N GLU F 79 5.10 25.29 -12.41
CA GLU F 79 5.40 23.92 -12.02
C GLU F 79 4.31 23.33 -11.06
N ALA F 80 4.20 22.01 -11.07
CA ALA F 80 3.28 21.28 -10.19
C ALA F 80 4.05 20.38 -9.21
N PHE F 81 3.39 20.06 -8.10
CA PHE F 81 3.85 19.03 -7.15
C PHE F 81 2.90 17.86 -7.35
N TYR F 82 3.45 16.69 -7.65
CA TYR F 82 2.65 15.49 -7.95
C TYR F 82 2.55 14.60 -6.72
N LEU F 83 1.37 14.61 -6.11
CA LEU F 83 1.10 13.83 -4.90
C LEU F 83 0.52 12.45 -5.26
N HIS F 84 1.36 11.43 -5.20
CA HIS F 84 0.94 10.11 -5.60
C HIS F 84 0.21 9.43 -4.46
N PRO F 85 -0.66 8.48 -4.78
CA PRO F 85 -1.30 7.64 -3.76
C PRO F 85 -0.33 7.05 -2.78
N GLY F 86 -0.68 7.12 -1.50
CA GLY F 86 0.11 6.56 -0.41
C GLY F 86 1.32 7.40 0.00
N GLU F 87 1.44 8.61 -0.52
CA GLU F 87 2.61 9.45 -0.23
C GLU F 87 2.15 10.60 0.65
N LEU F 88 2.85 10.76 1.77
CA LEU F 88 2.63 11.85 2.68
C LEU F 88 3.56 12.95 2.25
N ALA F 89 3.06 14.17 2.26
CA ALA F 89 3.89 15.36 1.99
C ALA F 89 3.48 16.57 2.83
N LEU F 90 4.41 17.47 3.07
CA LEU F 90 4.10 18.74 3.75
C LEU F 90 3.99 19.87 2.73
N ALA F 91 3.12 20.79 3.04
CA ALA F 91 2.95 21.95 2.22
C ALA F 91 2.56 23.08 3.18
N VAL F 92 2.12 24.22 2.64
CA VAL F 92 1.77 25.34 3.47
C VAL F 92 0.63 26.11 2.82
N THR F 93 -0.14 26.87 3.60
CA THR F 93 -1.08 27.80 2.99
C THR F 93 -0.37 29.02 2.44
N LEU F 94 -0.98 29.64 1.43
CA LEU F 94 -0.55 30.95 0.92
C LEU F 94 -0.78 32.03 1.99
N GLU F 95 -1.93 31.98 2.63
CA GLU F 95 -2.34 32.96 3.63
C GLU F 95 -1.68 32.75 5.01
N SER F 96 -1.24 33.85 5.60
CA SER F 96 -0.91 33.91 6.99
C SER F 96 -2.19 34.25 7.73
N VAL F 97 -2.43 33.54 8.84
CA VAL F 97 -3.57 33.80 9.71
C VAL F 97 -3.05 34.22 11.09
N THR F 98 -3.75 35.18 11.70
CA THR F 98 -3.45 35.63 13.05
C THR F 98 -4.73 35.67 13.84
N LEU F 99 -4.84 34.90 14.91
CA LEU F 99 -6.02 34.88 15.74
C LEU F 99 -5.71 35.54 17.07
N PRO F 100 -6.71 36.21 17.64
CA PRO F 100 -6.59 36.77 18.98
C PRO F 100 -6.82 35.69 20.03
N ALA F 101 -6.71 36.05 21.31
CA ALA F 101 -6.76 35.11 22.41
C ALA F 101 -8.14 34.51 22.65
N ASP F 102 -9.17 35.15 22.13
CA ASP F 102 -10.54 34.70 22.43
C ASP F 102 -11.21 34.01 21.23
N LEU F 103 -10.38 33.45 20.35
CA LEU F 103 -10.86 32.80 19.15
C LEU F 103 -10.02 31.58 18.79
N VAL F 104 -10.67 30.52 18.37
CA VAL F 104 -10.00 29.33 17.84
C VAL F 104 -10.50 29.07 16.43
N GLY F 105 -9.59 28.57 15.59
CA GLY F 105 -9.86 28.29 14.19
C GLY F 105 -9.79 26.82 13.82
N TRP F 106 -10.49 26.45 12.76
CA TRP F 106 -10.57 25.06 12.33
C TRP F 106 -10.43 24.96 10.83
N LEU F 107 -9.50 24.11 10.42
CA LEU F 107 -9.16 23.84 9.03
C LEU F 107 -9.95 22.68 8.50
N ASP F 108 -10.75 22.92 7.49
CA ASP F 108 -11.39 21.87 6.69
C ASP F 108 -10.62 21.73 5.40
N GLY F 109 -10.72 20.54 4.78
CA GLY F 109 -10.32 20.35 3.40
C GLY F 109 -11.48 20.76 2.51
N ARG F 110 -11.67 20.04 1.42
CA ARG F 110 -12.78 20.37 0.52
C ARG F 110 -13.44 19.11 0.02
N SER F 111 -14.77 19.12 -0.08
CA SER F 111 -15.50 17.94 -0.55
C SER F 111 -15.08 17.49 -1.94
N SER F 112 -14.73 18.43 -2.81
CA SER F 112 -14.23 18.13 -4.16
C SER F 112 -12.91 17.38 -4.14
N LEU F 113 -12.11 17.66 -3.12
CA LEU F 113 -10.80 17.07 -2.99
C LEU F 113 -10.92 15.74 -2.25
N ALA F 114 -11.83 15.67 -1.30
CA ALA F 114 -12.12 14.44 -0.55
C ALA F 114 -12.59 13.34 -1.48
N ARG F 115 -13.31 13.72 -2.53
CA ARG F 115 -13.87 12.76 -3.48
C ARG F 115 -12.81 12.17 -4.41
N LEU F 116 -11.61 12.74 -4.35
CA LEU F 116 -10.42 12.24 -5.02
C LEU F 116 -9.35 11.76 -4.02
N GLY F 117 -9.71 11.68 -2.75
CA GLY F 117 -8.84 11.12 -1.73
C GLY F 117 -7.83 12.04 -1.09
N LEU F 118 -7.84 13.31 -1.45
CA LEU F 118 -6.89 14.26 -0.86
C LEU F 118 -7.31 14.73 0.55
N VAL F 120 -6.07 17.07 3.74
CA VAL F 120 -5.30 18.28 3.92
C VAL F 120 -4.78 18.44 5.33
N HIS F 121 -5.21 17.54 6.22
CA HIS F 121 -4.64 17.41 7.53
C HIS F 121 -4.69 15.94 7.96
N VAL F 122 -3.94 15.64 8.99
CA VAL F 122 -3.79 14.29 9.51
C VAL F 122 -4.15 14.35 10.98
N THR F 123 -5.46 14.26 11.24
CA THR F 123 -6.08 14.57 12.52
C THR F 123 -5.35 15.61 13.35
N ALA F 124 -5.09 16.75 12.75
CA ALA F 124 -4.66 17.94 13.48
C ALA F 124 -5.05 19.15 12.66
N HIS F 125 -6.09 19.83 13.09
CA HIS F 125 -6.65 20.88 12.27
C HIS F 125 -7.13 22.07 13.06
N ARG F 126 -6.68 22.18 14.30
CA ARG F 126 -6.98 23.28 15.20
C ARG F 126 -5.92 24.37 15.05
N ILE F 127 -6.37 25.61 14.83
CA ILE F 127 -5.53 26.78 14.79
C ILE F 127 -5.76 27.55 16.07
N ASP F 128 -4.76 27.64 16.92
CA ASP F 128 -4.97 28.11 18.30
C ASP F 128 -5.17 29.61 18.47
N PRO F 129 -5.85 29.99 19.56
CA PRO F 129 -5.92 31.41 19.90
C PRO F 129 -4.50 31.92 20.09
N GLY F 130 -4.19 33.09 19.56
CA GLY F 130 -2.83 33.60 19.60
C GLY F 130 -1.90 33.09 18.49
N TRP F 131 -2.38 32.13 17.72
CA TRP F 131 -1.64 31.66 16.57
C TRP F 131 -1.34 32.81 15.64
N SER F 132 -0.15 32.81 15.04
CA SER F 132 0.17 33.77 14.00
C SER F 132 1.14 33.16 13.06
N GLY F 133 0.72 32.97 11.81
CA GLY F 133 1.59 32.36 10.81
C GLY F 133 0.86 31.62 9.72
N CYS F 134 1.62 31.26 8.72
CA CYS F 134 1.12 30.41 7.67
C CYS F 134 0.83 29.06 8.31
N ILE F 135 -0.15 28.34 7.78
CA ILE F 135 -0.54 27.06 8.31
C ILE F 135 0.11 25.95 7.49
N VAL F 136 0.82 25.06 8.17
CA VAL F 136 1.49 23.93 7.51
C VAL F 136 0.48 22.84 7.30
N LEU F 137 0.44 22.33 6.08
CA LEU F 137 -0.48 21.29 5.68
C LEU F 137 0.20 19.95 5.59
N ALA F 138 -0.44 18.93 6.14
CA ALA F 138 0.01 17.55 6.00
C ALA F 138 -0.95 16.84 5.04
N PHE F 139 -0.48 16.65 3.80
CA PHE F 139 -1.27 16.10 2.69
C PHE F 139 -1.09 14.61 2.60
N TYR F 140 -2.17 13.88 2.39
CA TYR F 140 -2.09 12.48 2.07
C TYR F 140 -3.09 12.13 1.00
N ASN F 141 -2.64 11.46 -0.07
CA ASN F 141 -3.49 11.03 -1.18
C ASN F 141 -3.91 9.60 -0.95
N SER F 142 -5.15 9.43 -0.48
CA SER F 142 -5.76 8.13 -0.19
C SER F 142 -6.53 7.56 -1.38
N GLY F 143 -6.52 8.26 -2.49
CA GLY F 143 -7.21 7.83 -3.70
C GLY F 143 -6.40 6.96 -4.64
N LYS F 144 -6.94 6.80 -5.83
CA LYS F 144 -6.38 5.93 -6.84
C LYS F 144 -5.61 6.67 -7.93
N LEU F 145 -5.74 7.98 -8.01
CA LEU F 145 -4.94 8.74 -8.97
C LEU F 145 -3.98 9.77 -8.34
N PRO F 146 -2.79 9.92 -8.94
CA PRO F 146 -1.89 11.02 -8.58
C PRO F 146 -2.62 12.30 -8.82
N LEU F 147 -2.36 13.30 -8.00
CA LEU F 147 -3.02 14.60 -8.14
C LEU F 147 -1.95 15.63 -8.28
N ALA F 148 -2.04 16.46 -9.32
CA ALA F 148 -1.15 17.61 -9.49
C ALA F 148 -1.65 18.79 -8.65
N LEU F 149 -0.81 19.20 -7.71
CA LEU F 149 -1.04 20.37 -6.88
C LEU F 149 -0.25 21.59 -7.39
N ARG F 150 -0.94 22.70 -7.61
CA ARG F 150 -0.33 23.95 -8.05
C ARG F 150 -0.58 25.07 -7.03
N PRO F 151 0.44 25.91 -6.80
CA PRO F 151 0.29 27.11 -5.97
C PRO F 151 -0.85 28.00 -6.41
N GLY F 152 -1.62 28.46 -5.44
CA GLY F 152 -2.75 29.35 -5.68
C GLY F 152 -4.08 28.65 -5.75
N LEU F 154 -7.36 26.55 -4.63
CA LEU F 154 -8.18 26.47 -3.43
C LEU F 154 -7.95 25.12 -2.77
N ILE F 155 -7.46 25.13 -1.54
CA ILE F 155 -7.03 23.91 -0.89
C ILE F 155 -7.84 23.53 0.35
N GLY F 156 -8.51 24.49 0.94
CA GLY F 156 -9.26 24.22 2.14
C GLY F 156 -10.05 25.41 2.62
N ALA F 157 -10.55 25.35 3.84
CA ALA F 157 -11.39 26.38 4.39
C ALA F 157 -11.19 26.50 5.88
N LEU F 158 -11.38 27.71 6.42
CA LEU F 158 -11.25 27.96 7.84
C LEU F 158 -12.57 28.44 8.37
N SER F 159 -12.96 27.91 9.54
CA SER F 159 -14.09 28.42 10.31
C SER F 159 -13.55 28.89 11.66
N PHE F 160 -14.33 29.73 12.34
CA PHE F 160 -13.83 30.41 13.52
C PHE F 160 -14.87 30.42 14.63
N GLU F 161 -14.38 30.19 15.85
CA GLU F 161 -15.25 29.91 16.98
C GLU F 161 -14.77 30.78 18.14
N PRO F 162 -15.60 31.73 18.60
CA PRO F 162 -15.31 32.46 19.84
C PRO F 162 -15.22 31.48 21.02
N LEU F 163 -14.28 31.77 21.92
CA LEU F 163 -14.06 31.02 23.12
C LEU F 163 -14.94 31.63 24.18
N SER F 164 -15.09 30.91 25.29
CA SER F 164 -15.91 31.32 26.40
C SER F 164 -15.37 32.61 27.00
N GLY F 165 -14.05 32.75 26.97
CA GLY F 165 -13.40 34.01 27.33
C GLY F 165 -12.07 34.07 26.63
N PRO F 166 -11.27 35.10 26.87
CA PRO F 166 -9.92 35.15 26.29
C PRO F 166 -8.94 34.15 26.93
N ALA F 167 -8.23 33.35 26.16
CA ALA F 167 -7.25 32.40 26.74
C ALA F 167 -6.13 33.08 27.59
N VAL F 168 -5.87 32.58 28.78
CA VAL F 168 -4.83 33.05 29.65
C VAL F 168 -3.46 32.70 29.11
N ARG F 169 -3.36 31.54 28.47
CA ARG F 169 -2.14 31.04 27.83
C ARG F 169 -2.35 30.80 26.31
N PRO F 170 -2.49 31.88 25.57
CA PRO F 170 -2.62 31.75 24.11
C PRO F 170 -1.27 31.37 23.50
N TYR F 171 -1.28 30.97 22.25
CA TYR F 171 -0.14 30.36 21.60
C TYR F 171 1.07 31.23 21.52
N ASN F 172 0.89 32.53 21.24
CA ASN F 172 1.99 33.49 21.09
C ASN F 172 2.82 33.71 22.37
N ARG F 173 2.28 33.32 23.53
CA ARG F 173 2.98 33.57 24.78
C ARG F 173 3.49 32.32 25.46
N ARG F 174 3.11 31.16 24.98
CA ARG F 174 3.45 29.89 25.63
C ARG F 174 4.88 29.53 25.30
N GLU F 175 5.74 29.35 26.30
CA GLU F 175 7.18 29.27 26.00
C GLU F 175 7.60 27.91 25.35
N ASP F 176 6.82 26.83 25.59
CA ASP F 176 7.10 25.54 24.94
C ASP F 176 6.28 25.27 23.68
N ALA F 177 5.62 26.30 23.14
CA ALA F 177 5.01 26.24 21.81
C ALA F 177 6.08 26.10 20.69
N LYS F 178 5.80 25.21 19.76
CA LYS F 178 6.77 24.78 18.78
C LYS F 178 6.78 25.62 17.50
N TYR F 179 5.63 26.18 17.09
CA TYR F 179 5.44 26.67 15.71
C TYR F 179 5.06 28.17 15.53
N ARG F 180 5.50 29.03 16.43
CA ARG F 180 5.38 30.49 16.23
C ARG F 180 6.28 31.02 15.12
N ASN F 181 5.79 32.08 14.51
CA ASN F 181 6.34 32.63 13.27
C ASN F 181 6.74 31.47 12.35
N GLN F 182 5.78 30.58 12.08
CA GLN F 182 5.99 29.44 11.18
C GLN F 182 5.79 29.97 9.78
N GLN F 183 6.77 29.82 8.89
CA GLN F 183 6.65 30.53 7.61
C GLN F 183 6.71 29.74 6.31
N GLY F 184 7.31 28.54 6.32
CA GLY F 184 7.25 27.61 5.17
C GLY F 184 6.71 26.22 5.52
N ALA F 185 7.11 25.21 4.77
CA ALA F 185 6.68 23.85 5.07
C ALA F 185 7.57 23.26 6.16
N VAL F 186 7.32 23.70 7.38
CA VAL F 186 8.14 23.33 8.53
C VAL F 186 7.88 21.87 8.96
N ALA F 187 8.98 21.15 9.16
CA ALA F 187 8.93 19.75 9.52
C ALA F 187 8.53 19.56 10.99
N SER F 188 8.18 18.33 11.36
CA SER F 188 7.76 18.06 12.72
C SER F 188 8.87 18.45 13.67
N ARG F 189 8.46 19.04 14.78
CA ARG F 189 9.34 19.40 15.86
C ARG F 189 9.02 18.62 17.13
N ILE F 190 8.63 17.36 16.96
CA ILE F 190 8.29 16.48 18.05
C ILE F 190 9.47 16.33 19.04
N ASP F 191 10.70 16.43 18.53
CA ASP F 191 11.89 16.46 19.37
C ASP F 191 11.94 17.58 20.47
N LYS F 192 11.05 18.57 20.41
CA LYS F 192 11.00 19.64 21.44
C LYS F 192 10.12 19.33 22.68
N ASP F 193 9.42 18.18 22.64
CA ASP F 193 8.55 17.77 23.75
C ASP F 193 9.32 17.65 25.06
#